data_7CP8
#
_entry.id   7CP8
#
_cell.length_a   58.709
_cell.length_b   128.236
_cell.length_c   147.812
_cell.angle_alpha   90.000
_cell.angle_beta   90.000
_cell.angle_gamma   90.000
#
_symmetry.space_group_name_H-M   'P 21 21 21'
#
loop_
_entity.id
_entity.type
_entity.pdbx_description
1 polymer 'Bifunctional cytochrome P450/NADPH--P450 reductase'
2 non-polymer 'PROTOPORPHYRIN IX CONTAINING FE'
3 non-polymer N-METHYL-1(R)-AMINOINDAN
4 non-polymer '(2~{S})-2-(5-cyclohexylpentanoylamino)-3-phenyl-propanoic acid'
5 non-polymer GLYCEROL
6 water water
#
_entity_poly.entity_id   1
_entity_poly.type   'polypeptide(L)'
_entity_poly.pdbx_seq_one_letter_code
;MTIKEMPQPKTFGELKNLPLLNTDKPVQALMKIADELGEIFKFEAPGRVTRYLSSQRLIKEACDESRFDKNLSQALKFVR
DFAGDGLFTSWTHEKNWKKAHNILLPSFSQQAMKGYHAMMVDIAVQLVQKWERLNADEHIEVPEDMTRLTLDTIGLCGFN
YRFNSFYRDQPHPFITSMVRALDEAMNKLQRANPDDPAYDENKRQFQEDIKVMNDLVDKIIADRKASGEQSDDLLTHMLN
GKDPETGEPLDDENIRYQIITFLIAGHETTSGLLSFALYFLVKNPHVLQKAAEEAARVLVDPVPSYKQVKQLKYVGMVLN
EALRLWPTAPAFSLYAKEDTVLGGEYPLEKGDELMVLIPQLHRDKTIWGDDVEEFRPERFENPSAIPQHAFKPFGNGQRA
CIGQQFALHEATLVLGMMLKHFDFEDHTNYELDIKETLTLKPEGFVVKAKSKKIPL
;
_entity_poly.pdbx_strand_id   A,B
#
# COMPACT_ATOMS: atom_id res chain seq x y z
N ILE A 3 -44.06 -12.90 40.09
CA ILE A 3 -43.53 -11.49 39.98
C ILE A 3 -42.35 -11.32 40.95
N LYS A 4 -41.22 -10.85 40.43
CA LYS A 4 -39.87 -10.96 41.03
C LYS A 4 -39.21 -9.58 40.93
N GLU A 5 -38.40 -9.23 41.91
CA GLU A 5 -37.48 -8.08 41.82
C GLU A 5 -36.30 -8.49 40.94
N MET A 6 -35.89 -7.60 40.08
CA MET A 6 -34.76 -7.82 39.17
C MET A 6 -33.45 -7.57 39.91
N PRO A 7 -32.41 -8.40 39.77
CA PRO A 7 -31.11 -8.06 40.32
C PRO A 7 -30.55 -6.78 39.69
N GLN A 8 -29.65 -6.13 40.42
CA GLN A 8 -28.97 -4.88 39.97
C GLN A 8 -27.52 -4.94 40.43
N PRO A 9 -26.54 -4.55 39.58
CA PRO A 9 -25.15 -4.51 40.03
C PRO A 9 -24.85 -3.34 40.97
N LYS A 10 -23.62 -3.30 41.43
CA LYS A 10 -23.22 -2.40 42.53
C LYS A 10 -23.43 -0.95 42.07
N THR A 11 -23.77 -0.06 43.00
CA THR A 11 -24.02 1.37 42.75
C THR A 11 -22.93 2.27 43.30
N PHE A 12 -22.97 3.51 42.82
CA PHE A 12 -21.99 4.59 43.09
C PHE A 12 -22.76 5.85 43.47
N GLY A 13 -23.56 5.77 44.52
CA GLY A 13 -24.38 6.89 45.00
C GLY A 13 -25.25 7.43 43.88
N GLU A 14 -25.23 8.76 43.66
CA GLU A 14 -26.13 9.44 42.70
C GLU A 14 -25.82 9.02 41.25
N LEU A 15 -24.63 8.48 40.97
CA LEU A 15 -24.30 8.02 39.58
C LEU A 15 -24.86 6.59 39.35
N LYS A 16 -25.49 6.01 40.37
CA LYS A 16 -26.14 4.68 40.25
C LYS A 16 -25.13 3.70 39.62
N ASN A 17 -25.49 3.00 38.53
CA ASN A 17 -24.58 2.00 37.92
C ASN A 17 -23.65 2.61 36.87
N LEU A 18 -23.80 3.90 36.53
CA LEU A 18 -23.08 4.46 35.35
C LEU A 18 -21.58 4.19 35.37
N PRO A 19 -20.82 4.34 36.50
CA PRO A 19 -19.38 4.09 36.45
C PRO A 19 -18.90 2.68 36.07
N LEU A 20 -19.77 1.67 36.14
CA LEU A 20 -19.41 0.29 35.72
C LEU A 20 -19.03 0.30 34.23
N LEU A 21 -19.53 1.26 33.45
CA LEU A 21 -19.26 1.27 31.98
C LEU A 21 -18.22 2.34 31.65
N ASN A 22 -17.63 2.96 32.68
CA ASN A 22 -16.42 3.81 32.49
C ASN A 22 -15.21 2.88 32.31
N THR A 23 -15.10 2.26 31.12
CA THR A 23 -14.06 1.28 30.74
C THR A 23 -13.95 1.31 29.20
N ASP A 24 -12.80 0.90 28.65
CA ASP A 24 -12.69 0.72 27.18
C ASP A 24 -13.37 -0.60 26.75
N LYS A 25 -13.86 -1.43 27.68
CA LYS A 25 -14.50 -2.75 27.36
C LYS A 25 -15.86 -2.89 28.07
N PRO A 26 -16.83 -2.02 27.76
CA PRO A 26 -18.12 -2.04 28.45
C PRO A 26 -18.93 -3.31 28.14
N VAL A 27 -18.86 -3.82 26.91
CA VAL A 27 -19.65 -5.04 26.58
C VAL A 27 -19.10 -6.19 27.42
N GLN A 28 -17.77 -6.33 27.50
CA GLN A 28 -17.17 -7.40 28.33
C GLN A 28 -17.51 -7.22 29.83
N ALA A 29 -17.64 -5.98 30.28
CA ALA A 29 -18.02 -5.64 31.68
C ALA A 29 -19.43 -6.10 31.95
N LEU A 30 -20.36 -5.82 31.02
CA LEU A 30 -21.76 -6.33 31.09
C LEU A 30 -21.83 -7.86 31.04
N MET A 31 -20.99 -8.52 30.25
CA MET A 31 -20.95 -9.99 30.24
C MET A 31 -20.59 -10.55 31.63
N LYS A 32 -19.60 -9.98 32.30
CA LYS A 32 -19.17 -10.43 33.66
C LYS A 32 -20.31 -10.12 34.64
N ILE A 33 -20.99 -8.97 34.51
CA ILE A 33 -22.20 -8.66 35.32
C ILE A 33 -23.27 -9.72 35.06
N ALA A 34 -23.59 -10.04 33.80
CA ALA A 34 -24.56 -11.11 33.48
C ALA A 34 -24.11 -12.45 34.09
N ASP A 35 -22.83 -12.81 34.05
CA ASP A 35 -22.40 -14.11 34.66
C ASP A 35 -22.68 -14.12 36.17
N GLU A 36 -22.57 -12.96 36.83
N GLU A 36 -22.54 -12.99 36.88
CA GLU A 36 -22.76 -12.78 38.30
CA GLU A 36 -22.84 -12.93 38.34
C GLU A 36 -24.26 -12.75 38.65
C GLU A 36 -24.36 -12.94 38.56
N LEU A 37 -25.10 -12.09 37.85
CA LEU A 37 -26.51 -11.78 38.23
C LEU A 37 -27.53 -12.66 37.51
N GLY A 38 -27.18 -13.22 36.36
CA GLY A 38 -28.04 -14.19 35.67
C GLY A 38 -28.76 -13.58 34.47
N GLU A 39 -29.97 -14.07 34.21
CA GLU A 39 -30.61 -13.93 32.90
C GLU A 39 -31.15 -12.53 32.67
N ILE A 40 -31.30 -11.74 33.73
CA ILE A 40 -31.80 -10.35 33.62
C ILE A 40 -31.21 -9.54 34.76
N PHE A 41 -30.82 -8.31 34.46
CA PHE A 41 -30.51 -7.33 35.51
C PHE A 41 -30.88 -5.93 35.03
N LYS A 42 -31.16 -5.08 36.02
CA LYS A 42 -31.50 -3.67 35.83
C LYS A 42 -30.23 -2.87 35.93
N PHE A 43 -30.10 -1.86 35.09
CA PHE A 43 -28.92 -0.99 35.05
C PHE A 43 -29.44 0.42 35.07
N GLU A 44 -29.10 1.19 36.10
CA GLU A 44 -29.62 2.56 36.25
C GLU A 44 -28.50 3.57 36.05
N ALA A 45 -28.80 4.68 35.38
CA ALA A 45 -27.91 5.85 35.32
C ALA A 45 -28.79 7.06 35.63
N PRO A 46 -28.22 8.26 35.91
CA PRO A 46 -29.08 9.43 36.09
C PRO A 46 -30.06 9.56 34.91
N GLY A 47 -31.36 9.50 35.22
CA GLY A 47 -32.46 9.70 34.27
C GLY A 47 -32.56 8.58 33.24
N ARG A 48 -32.07 7.37 33.52
CA ARG A 48 -32.18 6.28 32.53
C ARG A 48 -32.23 4.94 33.25
N VAL A 49 -33.05 4.00 32.76
N VAL A 49 -33.07 4.03 32.76
CA VAL A 49 -33.02 2.59 33.23
CA VAL A 49 -33.08 2.60 33.18
C VAL A 49 -33.04 1.68 32.00
C VAL A 49 -32.96 1.75 31.92
N THR A 50 -32.07 0.76 31.90
CA THR A 50 -32.05 -0.31 30.88
C THR A 50 -32.12 -1.66 31.59
N ARG A 51 -32.67 -2.68 30.96
CA ARG A 51 -32.59 -4.05 31.50
CA ARG A 51 -32.61 -4.06 31.51
C ARG A 51 -31.83 -4.94 30.54
N TYR A 52 -30.80 -5.63 31.03
CA TYR A 52 -29.94 -6.50 30.19
C TYR A 52 -30.44 -7.94 30.25
N LEU A 53 -30.76 -8.53 29.07
CA LEU A 53 -31.26 -9.90 28.93
C LEU A 53 -30.14 -10.80 28.42
N SER A 54 -30.03 -12.00 29.02
CA SER A 54 -28.94 -12.95 28.69
C SER A 54 -29.48 -14.33 28.33
N SER A 55 -30.70 -14.69 28.69
CA SER A 55 -31.20 -16.07 28.53
C SER A 55 -32.03 -16.18 27.25
N GLN A 56 -32.02 -17.34 26.63
CA GLN A 56 -32.89 -17.60 25.47
C GLN A 56 -34.35 -17.51 25.92
N ARG A 57 -34.65 -17.91 27.16
CA ARG A 57 -36.05 -17.91 27.66
C ARG A 57 -36.61 -16.48 27.59
N LEU A 58 -35.85 -15.48 28.04
CA LEU A 58 -36.36 -14.09 28.01
C LEU A 58 -36.16 -13.47 26.61
N ILE A 59 -35.03 -13.69 25.96
CA ILE A 59 -34.76 -13.09 24.63
C ILE A 59 -35.80 -13.54 23.61
N LYS A 60 -36.29 -14.77 23.71
CA LYS A 60 -37.31 -15.24 22.75
C LYS A 60 -38.56 -14.39 22.89
N GLU A 61 -38.90 -13.97 24.11
CA GLU A 61 -40.07 -13.09 24.31
C GLU A 61 -39.76 -11.71 23.78
N ALA A 62 -38.58 -11.17 24.06
CA ALA A 62 -38.15 -9.82 23.62
C ALA A 62 -38.22 -9.75 22.11
N CYS A 63 -38.02 -10.89 21.42
CA CYS A 63 -37.99 -10.98 19.94
C CYS A 63 -39.40 -11.13 19.35
N ASP A 64 -40.46 -11.13 20.17
CA ASP A 64 -41.85 -11.09 19.70
C ASP A 64 -42.16 -9.66 19.23
N GLU A 65 -42.27 -9.46 17.91
CA GLU A 65 -42.38 -8.09 17.34
C GLU A 65 -43.76 -7.50 17.64
N SER A 66 -44.72 -8.31 18.07
CA SER A 66 -46.04 -7.80 18.47
C SER A 66 -45.91 -7.11 19.84
N ARG A 67 -44.88 -7.42 20.62
CA ARG A 67 -44.73 -6.88 22.00
C ARG A 67 -43.57 -5.87 22.09
N PHE A 68 -42.52 -6.07 21.30
CA PHE A 68 -41.30 -5.23 21.37
C PHE A 68 -40.84 -4.82 19.96
N ASP A 69 -40.33 -3.61 19.87
CA ASP A 69 -39.79 -3.05 18.60
C ASP A 69 -38.33 -2.65 18.86
N LYS A 70 -37.58 -2.43 17.79
CA LYS A 70 -36.19 -1.92 17.89
C LYS A 70 -36.19 -0.57 18.59
N ASN A 71 -35.30 -0.45 19.58
CA ASN A 71 -35.01 0.82 20.22
C ASN A 71 -33.70 1.33 19.66
N LEU A 72 -33.55 2.66 19.51
CA LEU A 72 -32.21 3.24 19.35
C LEU A 72 -31.62 3.39 20.75
N SER A 73 -30.61 2.57 21.01
CA SER A 73 -29.72 2.69 22.18
C SER A 73 -29.13 4.10 22.15
N GLN A 74 -28.66 4.58 23.29
CA GLN A 74 -27.96 5.88 23.32
C GLN A 74 -26.78 5.85 22.33
N ALA A 75 -26.11 4.70 22.16
CA ALA A 75 -25.00 4.60 21.16
C ALA A 75 -25.54 4.92 19.76
N LEU A 76 -26.64 4.29 19.38
CA LEU A 76 -27.21 4.49 18.04
C LEU A 76 -27.74 5.93 17.94
N LYS A 77 -28.27 6.53 19.03
CA LYS A 77 -28.69 7.96 18.95
C LYS A 77 -27.48 8.85 18.63
N PHE A 78 -26.30 8.52 19.16
CA PHE A 78 -25.09 9.34 18.92
C PHE A 78 -24.60 9.04 17.50
N VAL A 79 -24.72 7.80 17.02
CA VAL A 79 -24.25 7.48 15.66
C VAL A 79 -25.21 8.14 14.63
N ARG A 80 -26.49 8.30 14.99
CA ARG A 80 -27.51 8.95 14.12
C ARG A 80 -27.08 10.37 13.73
N ASP A 81 -26.22 11.03 14.53
CA ASP A 81 -25.74 12.38 14.15
C ASP A 81 -24.98 12.32 12.83
N PHE A 82 -24.48 11.17 12.36
CA PHE A 82 -23.88 11.10 11.00
C PHE A 82 -24.51 10.00 10.14
N ALA A 83 -25.18 8.99 10.72
CA ALA A 83 -25.85 7.92 9.95
C ALA A 83 -27.31 8.30 9.68
N GLY A 84 -27.79 9.37 10.29
CA GLY A 84 -29.12 9.97 10.07
C GLY A 84 -30.23 8.95 10.15
N ASP A 85 -31.18 9.04 9.22
CA ASP A 85 -32.30 8.09 9.21
C ASP A 85 -31.98 7.05 8.12
N GLY A 86 -30.72 6.62 8.02
CA GLY A 86 -30.40 5.39 7.28
C GLY A 86 -31.05 4.21 8.00
N LEU A 87 -31.03 3.03 7.40
CA LEU A 87 -31.78 1.87 7.91
C LEU A 87 -31.42 1.52 9.36
N PHE A 88 -30.15 1.67 9.75
CA PHE A 88 -29.65 1.16 11.06
C PHE A 88 -30.04 2.09 12.20
N THR A 89 -30.16 3.39 11.94
CA THR A 89 -30.36 4.42 12.98
C THR A 89 -31.73 5.09 12.81
N SER A 90 -32.65 4.46 12.08
CA SER A 90 -34.04 4.95 11.95
C SER A 90 -34.96 4.13 12.86
N TRP A 91 -36.00 4.76 13.38
CA TRP A 91 -37.09 4.06 14.10
C TRP A 91 -37.97 3.36 13.07
N THR A 92 -38.56 2.22 13.42
CA THR A 92 -39.45 1.41 12.55
C THR A 92 -40.59 2.31 12.05
N HIS A 93 -40.99 3.30 12.83
CA HIS A 93 -42.20 4.11 12.53
C HIS A 93 -41.84 5.35 11.69
N GLU A 94 -40.55 5.61 11.44
CA GLU A 94 -40.18 6.73 10.54
C GLU A 94 -40.48 6.30 9.11
N LYS A 95 -41.07 7.21 8.31
CA LYS A 95 -41.41 6.87 6.90
C LYS A 95 -40.19 6.32 6.14
N ASN A 96 -39.02 6.90 6.37
CA ASN A 96 -37.79 6.52 5.61
C ASN A 96 -37.33 5.07 5.96
N TRP A 97 -37.74 4.49 7.10
CA TRP A 97 -37.32 3.10 7.45
C TRP A 97 -37.95 2.14 6.44
N LYS A 98 -39.27 2.10 6.34
CA LYS A 98 -40.00 1.08 5.51
C LYS A 98 -39.72 1.40 4.03
N LYS A 99 -39.62 2.69 3.69
CA LYS A 99 -39.36 3.06 2.29
C LYS A 99 -38.00 2.51 1.87
N ALA A 100 -36.93 2.82 2.60
CA ALA A 100 -35.59 2.32 2.27
C ALA A 100 -35.59 0.78 2.30
N HIS A 101 -36.25 0.18 3.28
CA HIS A 101 -36.23 -1.29 3.50
C HIS A 101 -36.80 -1.92 2.23
N ASN A 102 -37.95 -1.42 1.78
CA ASN A 102 -38.62 -1.97 0.58
C ASN A 102 -37.74 -1.80 -0.65
N ILE A 103 -37.06 -0.68 -0.80
CA ILE A 103 -36.21 -0.41 -2.01
C ILE A 103 -34.97 -1.29 -1.97
N LEU A 104 -34.39 -1.43 -0.79
CA LEU A 104 -33.08 -2.09 -0.65
C LEU A 104 -33.13 -3.60 -0.46
N LEU A 105 -34.23 -4.18 0.00
N LEU A 105 -34.23 -4.19 0.00
CA LEU A 105 -34.29 -5.65 0.26
CA LEU A 105 -34.26 -5.66 0.28
C LEU A 105 -33.82 -6.46 -0.95
C LEU A 105 -33.82 -6.46 -0.95
N PRO A 106 -34.35 -6.20 -2.17
CA PRO A 106 -33.93 -6.99 -3.35
C PRO A 106 -32.45 -6.85 -3.71
N SER A 107 -31.81 -5.74 -3.35
CA SER A 107 -30.36 -5.49 -3.59
CA SER A 107 -30.36 -5.51 -3.61
C SER A 107 -29.50 -6.33 -2.62
N PHE A 108 -30.11 -6.95 -1.61
CA PHE A 108 -29.35 -7.62 -0.51
C PHE A 108 -29.71 -9.10 -0.43
N SER A 109 -30.49 -9.57 -1.38
CA SER A 109 -31.02 -10.96 -1.38
C SER A 109 -29.88 -11.92 -1.74
N GLN A 110 -30.08 -13.20 -1.45
CA GLN A 110 -29.11 -14.25 -1.83
C GLN A 110 -28.94 -14.18 -3.35
N GLN A 111 -30.02 -14.00 -4.11
CA GLN A 111 -29.96 -13.85 -5.60
C GLN A 111 -29.04 -12.68 -5.97
N ALA A 112 -29.07 -11.56 -5.24
CA ALA A 112 -28.32 -10.34 -5.63
C ALA A 112 -26.80 -10.57 -5.43
N MET A 113 -26.43 -11.53 -4.57
CA MET A 113 -25.02 -11.82 -4.27
C MET A 113 -24.32 -12.30 -5.55
N LYS A 114 -25.03 -12.89 -6.51
CA LYS A 114 -24.42 -13.28 -7.79
C LYS A 114 -23.80 -12.08 -8.49
N GLY A 115 -24.46 -10.94 -8.43
CA GLY A 115 -24.01 -9.70 -9.07
C GLY A 115 -22.84 -9.06 -8.32
N TYR A 116 -22.73 -9.23 -7.02
CA TYR A 116 -21.63 -8.60 -6.23
C TYR A 116 -20.38 -9.49 -6.23
N HIS A 117 -20.52 -10.76 -6.59
CA HIS A 117 -19.45 -11.78 -6.41
C HIS A 117 -18.16 -11.32 -7.08
N ALA A 118 -18.21 -10.84 -8.32
CA ALA A 118 -16.99 -10.53 -9.09
C ALA A 118 -16.20 -9.43 -8.36
N MET A 119 -16.91 -8.42 -7.82
N MET A 119 -16.87 -8.44 -7.77
CA MET A 119 -16.32 -7.28 -7.07
CA MET A 119 -16.12 -7.34 -7.13
C MET A 119 -15.71 -7.81 -5.76
C MET A 119 -15.69 -7.77 -5.71
N MET A 120 -16.40 -8.69 -5.03
CA MET A 120 -15.82 -9.32 -3.81
C MET A 120 -14.54 -10.08 -4.17
N VAL A 121 -14.54 -10.80 -5.28
CA VAL A 121 -13.34 -11.59 -5.71
C VAL A 121 -12.17 -10.60 -5.92
N ASP A 122 -12.48 -9.44 -6.49
CA ASP A 122 -11.41 -8.47 -6.84
C ASP A 122 -10.65 -8.13 -5.55
N ILE A 123 -11.36 -7.80 -4.49
CA ILE A 123 -10.70 -7.41 -3.23
C ILE A 123 -10.06 -8.66 -2.57
N ALA A 124 -10.76 -9.80 -2.53
CA ALA A 124 -10.24 -11.04 -1.92
C ALA A 124 -8.91 -11.42 -2.59
N VAL A 125 -8.82 -11.28 -3.90
CA VAL A 125 -7.59 -11.64 -4.63
C VAL A 125 -6.50 -10.64 -4.21
N GLN A 126 -6.83 -9.36 -4.02
CA GLN A 126 -5.84 -8.38 -3.48
C GLN A 126 -5.29 -8.82 -2.13
N LEU A 127 -6.13 -9.30 -1.20
N LEU A 127 -6.13 -9.30 -1.21
CA LEU A 127 -5.65 -9.85 0.09
CA LEU A 127 -5.69 -9.85 0.10
C LEU A 127 -4.71 -11.04 -0.18
C LEU A 127 -4.77 -11.07 -0.12
N VAL A 128 -5.15 -12.01 -0.97
CA VAL A 128 -4.31 -13.22 -1.15
C VAL A 128 -2.95 -12.84 -1.73
N GLN A 129 -2.93 -11.92 -2.69
CA GLN A 129 -1.66 -11.45 -3.32
C GLN A 129 -0.81 -10.75 -2.26
N LYS A 130 -1.40 -9.93 -1.39
CA LYS A 130 -0.61 -9.26 -0.34
C LYS A 130 0.14 -10.34 0.47
N TRP A 131 -0.57 -11.38 0.89
CA TRP A 131 0.02 -12.40 1.75
C TRP A 131 1.07 -13.22 0.99
N GLU A 132 0.81 -13.51 -0.28
CA GLU A 132 1.72 -14.27 -1.17
C GLU A 132 3.05 -13.50 -1.28
N ARG A 133 2.99 -12.18 -1.12
CA ARG A 133 4.13 -11.29 -1.32
C ARG A 133 4.85 -10.96 -0.02
N LEU A 134 4.45 -11.52 1.12
CA LEU A 134 5.22 -11.28 2.35
C LEU A 134 6.52 -12.07 2.27
N ASN A 135 7.56 -11.54 2.91
CA ASN A 135 8.87 -12.23 3.05
C ASN A 135 8.79 -13.24 4.19
N ALA A 136 9.71 -14.19 4.22
CA ALA A 136 9.79 -15.27 5.26
C ALA A 136 9.72 -14.69 6.70
N ASP A 137 10.41 -13.59 6.96
CA ASP A 137 10.53 -13.07 8.36
C ASP A 137 9.35 -12.17 8.73
N GLU A 138 8.19 -12.29 8.06
CA GLU A 138 7.11 -11.29 8.22
C GLU A 138 5.90 -11.98 8.81
N HIS A 139 5.01 -11.16 9.36
CA HIS A 139 3.70 -11.64 9.84
C HIS A 139 2.56 -10.77 9.31
N ILE A 140 1.37 -11.24 9.58
CA ILE A 140 0.08 -10.60 9.19
C ILE A 140 -0.55 -9.97 10.42
N GLU A 141 -0.94 -8.71 10.28
CA GLU A 141 -1.80 -7.99 11.22
C GLU A 141 -3.24 -8.30 10.84
N VAL A 142 -3.87 -9.24 11.56
CA VAL A 142 -5.11 -9.88 11.07
C VAL A 142 -6.27 -8.88 11.02
N PRO A 143 -6.74 -8.28 12.13
CA PRO A 143 -7.86 -7.32 12.03
C PRO A 143 -7.55 -6.17 11.07
N GLU A 144 -6.28 -5.74 10.98
CA GLU A 144 -5.86 -4.62 10.11
C GLU A 144 -6.12 -5.05 8.66
N ASP A 145 -5.68 -6.24 8.27
CA ASP A 145 -5.87 -6.67 6.87
C ASP A 145 -7.36 -6.99 6.59
N MET A 146 -8.06 -7.61 7.54
CA MET A 146 -9.48 -7.96 7.33
C MET A 146 -10.29 -6.66 7.18
N THR A 147 -9.92 -5.60 7.91
CA THR A 147 -10.63 -4.32 7.80
C THR A 147 -10.32 -3.65 6.45
N ARG A 148 -9.08 -3.70 5.97
CA ARG A 148 -8.74 -3.21 4.62
C ARG A 148 -9.65 -3.91 3.61
N LEU A 149 -9.80 -5.23 3.76
CA LEU A 149 -10.60 -6.04 2.84
C LEU A 149 -12.07 -5.64 2.88
N THR A 150 -12.73 -5.64 4.05
CA THR A 150 -14.22 -5.52 4.08
C THR A 150 -14.61 -4.08 3.78
N LEU A 151 -13.80 -3.11 4.16
CA LEU A 151 -14.06 -1.70 3.79
C LEU A 151 -13.99 -1.60 2.26
N ASP A 152 -12.95 -2.15 1.64
CA ASP A 152 -12.79 -2.05 0.18
C ASP A 152 -13.95 -2.76 -0.52
N THR A 153 -14.37 -3.90 -0.01
CA THR A 153 -15.44 -4.68 -0.67
C THR A 153 -16.72 -3.84 -0.73
N ILE A 154 -17.10 -3.21 0.38
CA ILE A 154 -18.37 -2.41 0.44
C ILE A 154 -18.21 -1.09 -0.34
N GLY A 155 -17.00 -0.50 -0.41
CA GLY A 155 -16.84 0.66 -1.27
C GLY A 155 -17.10 0.31 -2.73
N LEU A 156 -16.56 -0.83 -3.17
CA LEU A 156 -16.70 -1.24 -4.57
C LEU A 156 -18.14 -1.66 -4.86
N CYS A 157 -18.74 -2.52 -4.03
CA CYS A 157 -20.13 -3.03 -4.23
C CYS A 157 -21.14 -1.93 -3.90
N GLY A 158 -20.81 -1.02 -3.00
CA GLY A 158 -21.70 0.05 -2.53
C GLY A 158 -21.86 1.09 -3.61
N PHE A 159 -20.74 1.59 -4.15
CA PHE A 159 -20.81 2.75 -5.08
C PHE A 159 -19.61 2.84 -6.00
N ASN A 160 -19.02 1.70 -6.32
N ASN A 160 -19.02 1.69 -6.32
CA ASN A 160 -17.97 1.58 -7.36
CA ASN A 160 -17.95 1.57 -7.34
C ASN A 160 -16.82 2.53 -7.04
C ASN A 160 -16.84 2.57 -7.04
N TYR A 161 -16.51 2.71 -5.76
CA TYR A 161 -15.39 3.54 -5.26
C TYR A 161 -14.30 2.60 -4.70
N ARG A 162 -13.05 2.77 -5.14
CA ARG A 162 -11.88 2.04 -4.60
C ARG A 162 -11.22 2.86 -3.46
N PHE A 163 -11.33 2.39 -2.23
CA PHE A 163 -10.56 2.96 -1.11
C PHE A 163 -9.06 2.58 -1.25
N ASN A 164 -8.74 1.52 -2.00
CA ASN A 164 -7.34 1.11 -2.27
C ASN A 164 -6.61 0.92 -0.94
N SER A 165 -7.28 0.29 0.03
CA SER A 165 -6.74 0.09 1.39
C SER A 165 -5.45 -0.76 1.37
N PHE A 166 -5.26 -1.64 0.38
CA PHE A 166 -4.04 -2.46 0.30
C PHE A 166 -2.86 -1.65 -0.30
N TYR A 167 -3.07 -0.40 -0.69
CA TYR A 167 -2.05 0.52 -1.26
C TYR A 167 -1.55 1.47 -0.17
N ARG A 168 -2.02 1.32 1.08
CA ARG A 168 -1.89 2.36 2.15
C ARG A 168 -1.46 1.78 3.48
N ASP A 169 -0.69 2.58 4.20
CA ASP A 169 -0.41 2.41 5.64
C ASP A 169 -1.52 3.15 6.40
N GLN A 170 -1.85 4.36 5.95
CA GLN A 170 -2.80 5.31 6.60
C GLN A 170 -4.14 5.28 5.89
N PRO A 171 -5.26 5.09 6.63
CA PRO A 171 -6.57 5.02 5.99
C PRO A 171 -6.85 6.22 5.10
N HIS A 172 -7.64 5.99 4.05
CA HIS A 172 -8.35 7.05 3.30
C HIS A 172 -8.90 8.07 4.29
N PRO A 173 -8.86 9.39 3.99
CA PRO A 173 -9.33 10.42 4.93
C PRO A 173 -10.79 10.28 5.40
N PHE A 174 -11.63 9.78 4.52
CA PHE A 174 -13.03 9.44 4.85
C PHE A 174 -13.04 8.52 6.07
N ILE A 175 -12.18 7.48 6.05
CA ILE A 175 -12.14 6.42 7.10
C ILE A 175 -11.61 7.03 8.40
N THR A 176 -10.57 7.87 8.33
CA THR A 176 -10.08 8.62 9.50
C THR A 176 -11.26 9.31 10.20
N SER A 177 -12.05 10.11 9.48
CA SER A 177 -13.17 10.87 10.05
C SER A 177 -14.25 9.93 10.56
N MET A 178 -14.54 8.86 9.81
CA MET A 178 -15.58 7.88 10.21
C MET A 178 -15.17 7.19 11.53
N VAL A 179 -13.94 6.71 11.65
CA VAL A 179 -13.47 6.00 12.88
C VAL A 179 -13.53 6.97 14.05
N ARG A 180 -13.13 8.23 13.83
CA ARG A 180 -13.07 9.22 14.93
C ARG A 180 -14.49 9.63 15.34
N ALA A 181 -15.42 9.70 14.40
CA ALA A 181 -16.83 9.98 14.72
C ALA A 181 -17.41 8.81 15.52
N LEU A 182 -17.14 7.57 15.09
CA LEU A 182 -17.61 6.37 15.82
C LEU A 182 -17.02 6.37 17.24
N ASP A 183 -15.77 6.78 17.37
CA ASP A 183 -15.08 6.81 18.69
C ASP A 183 -15.78 7.84 19.57
N GLU A 184 -16.07 9.01 19.03
CA GLU A 184 -16.73 10.12 19.78
C GLU A 184 -18.12 9.66 20.20
N ALA A 185 -18.88 9.00 19.33
CA ALA A 185 -20.23 8.51 19.68
C ALA A 185 -20.13 7.60 20.92
N MET A 186 -19.22 6.63 20.90
CA MET A 186 -19.11 5.63 21.98
C MET A 186 -18.54 6.30 23.24
N ASN A 187 -17.58 7.22 23.12
CA ASN A 187 -16.98 7.88 24.31
C ASN A 187 -18.06 8.70 25.01
N LYS A 188 -19.03 9.28 24.29
CA LYS A 188 -20.02 10.20 24.89
C LYS A 188 -20.90 9.44 25.87
N LEU A 189 -21.01 8.11 25.71
CA LEU A 189 -21.81 7.30 26.65
C LEU A 189 -21.23 7.44 28.07
N GLN A 190 -19.92 7.71 28.19
CA GLN A 190 -19.18 7.66 29.48
C GLN A 190 -18.99 9.07 30.05
N ARG A 191 -19.51 10.12 29.40
CA ARG A 191 -19.34 11.53 29.89
C ARG A 191 -20.51 11.90 30.81
N ALA A 192 -20.34 11.70 32.13
CA ALA A 192 -21.31 12.04 33.21
C ALA A 192 -21.83 13.49 33.04
N ASN A 193 -21.10 14.38 32.36
CA ASN A 193 -21.51 15.79 32.18
C ASN A 193 -20.84 16.34 30.92
N PRO A 194 -21.50 16.22 29.73
CA PRO A 194 -20.89 16.56 28.44
C PRO A 194 -20.90 18.02 27.98
N ASP A 195 -21.46 18.93 28.77
CA ASP A 195 -21.50 20.38 28.39
C ASP A 195 -20.35 21.13 29.06
N ASP A 196 -19.49 20.44 29.81
CA ASP A 196 -18.19 20.97 30.32
C ASP A 196 -17.40 21.47 29.11
N PRO A 197 -16.91 22.74 29.07
CA PRO A 197 -16.12 23.25 27.94
C PRO A 197 -14.86 22.46 27.57
N ALA A 198 -14.39 21.53 28.42
CA ALA A 198 -13.26 20.59 28.20
C ALA A 198 -13.45 19.83 26.87
N TYR A 199 -14.72 19.55 26.52
CA TYR A 199 -15.13 18.72 25.36
C TYR A 199 -15.42 19.59 24.13
N ASP A 200 -15.24 20.92 24.21
CA ASP A 200 -15.46 21.84 23.06
C ASP A 200 -14.61 21.39 21.86
N GLU A 201 -13.45 20.79 22.11
CA GLU A 201 -12.51 20.33 21.04
C GLU A 201 -13.12 19.07 20.38
N ASN A 202 -13.59 18.13 21.20
CA ASN A 202 -14.32 16.92 20.71
C ASN A 202 -15.48 17.36 19.81
N LYS A 203 -16.32 18.32 20.25
CA LYS A 203 -17.53 18.81 19.52
C LYS A 203 -17.09 19.36 18.16
N ARG A 204 -16.04 20.17 18.13
CA ARG A 204 -15.54 20.83 16.90
C ARG A 204 -15.00 19.75 15.97
N GLN A 205 -14.22 18.79 16.50
CA GLN A 205 -13.63 17.68 15.68
C GLN A 205 -14.79 16.84 15.11
N PHE A 206 -15.84 16.64 15.88
CA PHE A 206 -16.99 15.76 15.51
C PHE A 206 -17.70 16.40 14.30
N GLN A 207 -17.98 17.71 14.36
CA GLN A 207 -18.61 18.47 13.25
C GLN A 207 -17.73 18.41 12.00
N GLU A 208 -16.40 18.53 12.14
CA GLU A 208 -15.45 18.50 10.99
C GLU A 208 -15.43 17.08 10.36
N ASP A 209 -15.44 16.03 11.16
CA ASP A 209 -15.53 14.61 10.68
C ASP A 209 -16.87 14.34 9.94
N ILE A 210 -17.98 14.82 10.47
CA ILE A 210 -19.28 14.69 9.75
C ILE A 210 -19.16 15.37 8.37
N LYS A 211 -18.57 16.56 8.32
CA LYS A 211 -18.44 17.33 7.05
C LYS A 211 -17.57 16.55 6.05
N VAL A 212 -16.45 16.00 6.50
CA VAL A 212 -15.61 15.14 5.61
C VAL A 212 -16.51 14.03 5.04
N MET A 213 -17.32 13.39 5.89
CA MET A 213 -18.08 12.16 5.45
C MET A 213 -19.17 12.59 4.44
N ASN A 214 -19.95 13.63 4.75
CA ASN A 214 -21.02 14.15 3.85
C ASN A 214 -20.44 14.56 2.48
N ASP A 215 -19.28 15.23 2.47
CA ASP A 215 -18.74 15.82 1.22
C ASP A 215 -18.25 14.72 0.30
N LEU A 216 -17.54 13.67 0.79
CA LEU A 216 -17.14 12.60 -0.15
C LEU A 216 -18.44 12.00 -0.66
N VAL A 217 -19.34 11.64 0.27
CA VAL A 217 -20.51 10.81 -0.14
C VAL A 217 -21.44 11.68 -1.03
N ASP A 218 -21.76 12.90 -0.65
CA ASP A 218 -22.65 13.79 -1.47
C ASP A 218 -22.01 14.04 -2.84
N LYS A 219 -20.67 14.18 -2.88
CA LYS A 219 -19.92 14.35 -4.17
C LYS A 219 -20.04 13.08 -5.00
N ILE A 220 -19.96 11.92 -4.37
CA ILE A 220 -20.05 10.66 -5.15
C ILE A 220 -21.47 10.53 -5.73
N ILE A 221 -22.48 10.89 -4.96
CA ILE A 221 -23.89 10.79 -5.44
C ILE A 221 -24.05 11.75 -6.62
N ALA A 222 -23.64 12.99 -6.42
CA ALA A 222 -23.71 14.07 -7.44
C ALA A 222 -22.95 13.63 -8.69
N ASP A 223 -21.73 13.11 -8.53
CA ASP A 223 -20.89 12.69 -9.69
C ASP A 223 -21.64 11.59 -10.44
N ARG A 224 -22.25 10.63 -9.74
CA ARG A 224 -22.94 9.52 -10.44
C ARG A 224 -24.20 10.05 -11.18
N LYS A 225 -24.99 10.93 -10.58
CA LYS A 225 -26.18 11.49 -11.29
C LYS A 225 -25.74 12.25 -12.55
N ALA A 226 -24.69 13.04 -12.46
CA ALA A 226 -24.15 13.81 -13.59
C ALA A 226 -23.76 12.85 -14.74
N SER A 227 -23.04 11.75 -14.45
CA SER A 227 -22.45 10.88 -15.51
C SER A 227 -23.56 10.06 -16.19
N GLY A 228 -24.66 9.80 -15.50
CA GLY A 228 -25.73 8.91 -16.00
C GLY A 228 -25.33 7.44 -16.02
N GLU A 229 -24.14 7.09 -15.53
CA GLU A 229 -23.59 5.72 -15.61
C GLU A 229 -24.50 4.75 -14.82
N GLN A 230 -24.72 3.55 -15.34
CA GLN A 230 -25.49 2.46 -14.68
C GLN A 230 -24.48 1.36 -14.34
N SER A 231 -24.21 1.15 -13.05
CA SER A 231 -23.30 0.10 -12.55
C SER A 231 -24.12 -0.94 -11.80
N ASP A 232 -23.51 -2.04 -11.40
CA ASP A 232 -24.20 -3.13 -10.65
C ASP A 232 -23.96 -2.86 -9.16
N ASP A 233 -24.12 -1.61 -8.71
CA ASP A 233 -23.83 -1.28 -7.29
C ASP A 233 -25.09 -0.78 -6.56
N LEU A 234 -25.01 -0.68 -5.24
CA LEU A 234 -26.14 -0.21 -4.42
C LEU A 234 -26.56 1.21 -4.81
N LEU A 235 -25.61 2.07 -5.19
CA LEU A 235 -25.92 3.47 -5.49
C LEU A 235 -26.84 3.51 -6.72
N THR A 236 -26.55 2.76 -7.76
CA THR A 236 -27.46 2.71 -8.94
C THR A 236 -28.84 2.22 -8.48
N HIS A 237 -28.92 1.18 -7.66
CA HIS A 237 -30.23 0.65 -7.19
C HIS A 237 -30.99 1.76 -6.44
N MET A 238 -30.31 2.55 -5.62
CA MET A 238 -30.97 3.62 -4.82
C MET A 238 -31.37 4.82 -5.69
N LEU A 239 -30.59 5.17 -6.72
CA LEU A 239 -30.97 6.28 -7.62
C LEU A 239 -32.16 5.86 -8.51
N ASN A 240 -32.33 4.60 -8.86
CA ASN A 240 -33.38 4.15 -9.80
C ASN A 240 -34.61 3.59 -9.09
N GLY A 241 -34.48 3.16 -7.84
CA GLY A 241 -35.48 2.29 -7.21
C GLY A 241 -36.64 3.10 -6.68
N LYS A 242 -37.82 2.53 -6.69
CA LYS A 242 -39.00 3.20 -6.14
C LYS A 242 -39.66 2.24 -5.15
N ASP A 243 -40.06 2.79 -4.03
CA ASP A 243 -40.76 2.02 -2.99
C ASP A 243 -42.14 1.68 -3.53
N PRO A 244 -42.55 0.39 -3.62
CA PRO A 244 -43.89 0.05 -4.13
C PRO A 244 -45.03 0.63 -3.26
N GLU A 245 -44.80 0.82 -1.98
CA GLU A 245 -45.85 1.31 -1.07
C GLU A 245 -46.13 2.81 -1.34
N THR A 246 -45.13 3.65 -1.09
CA THR A 246 -45.21 5.13 -1.27
C THR A 246 -45.18 5.51 -2.74
N GLY A 247 -44.57 4.68 -3.59
CA GLY A 247 -44.26 4.99 -5.00
C GLY A 247 -43.07 5.92 -5.13
N GLU A 248 -42.41 6.29 -4.02
CA GLU A 248 -41.34 7.33 -4.01
C GLU A 248 -39.97 6.67 -4.10
N PRO A 249 -38.98 7.33 -4.72
CA PRO A 249 -37.59 6.94 -4.56
C PRO A 249 -36.99 7.57 -3.30
N LEU A 250 -35.84 7.09 -2.86
CA LEU A 250 -35.07 7.75 -1.79
C LEU A 250 -34.56 9.08 -2.31
N ASP A 251 -34.55 10.09 -1.48
CA ASP A 251 -33.88 11.35 -1.87
C ASP A 251 -32.38 11.24 -1.60
N ASP A 252 -31.63 12.21 -2.12
CA ASP A 252 -30.16 12.21 -2.10
C ASP A 252 -29.62 12.21 -0.66
N GLU A 253 -30.26 12.95 0.25
CA GLU A 253 -29.78 13.03 1.64
C GLU A 253 -29.91 11.62 2.25
N ASN A 254 -31.04 10.98 2.03
CA ASN A 254 -31.23 9.63 2.63
C ASN A 254 -30.28 8.61 1.98
N ILE A 255 -30.06 8.70 0.67
CA ILE A 255 -29.04 7.86 0.01
C ILE A 255 -27.68 8.06 0.69
N ARG A 256 -27.33 9.32 0.99
CA ARG A 256 -26.04 9.56 1.66
C ARG A 256 -26.02 8.81 3.01
N TYR A 257 -27.10 8.88 3.82
CA TYR A 257 -27.15 8.16 5.12
C TYR A 257 -27.00 6.66 4.89
N GLN A 258 -27.61 6.09 3.86
CA GLN A 258 -27.49 4.64 3.60
C GLN A 258 -26.02 4.31 3.30
N ILE A 259 -25.36 5.11 2.47
CA ILE A 259 -23.96 4.79 2.05
C ILE A 259 -23.06 4.88 3.26
N ILE A 260 -23.24 5.89 4.09
CA ILE A 260 -22.46 6.03 5.34
C ILE A 260 -22.71 4.77 6.19
N THR A 261 -23.95 4.33 6.30
CA THR A 261 -24.36 3.18 7.14
C THR A 261 -23.62 1.93 6.61
N PHE A 262 -23.59 1.75 5.29
CA PHE A 262 -23.00 0.55 4.69
C PHE A 262 -21.49 0.57 4.92
N LEU A 263 -20.88 1.74 4.81
CA LEU A 263 -19.41 1.87 5.05
C LEU A 263 -19.07 1.59 6.50
N ILE A 264 -19.87 2.08 7.44
CA ILE A 264 -19.72 1.71 8.89
C ILE A 264 -19.77 0.18 9.00
N ALA A 265 -20.77 -0.46 8.40
CA ALA A 265 -20.94 -1.94 8.50
C ALA A 265 -19.70 -2.66 7.97
N GLY A 266 -19.27 -2.33 6.77
CA GLY A 266 -18.10 -2.99 6.15
C GLY A 266 -16.82 -2.82 7.00
N HIS A 267 -16.58 -1.62 7.51
CA HIS A 267 -15.41 -1.37 8.35
C HIS A 267 -15.49 -2.16 9.67
N GLU A 268 -16.64 -2.19 10.32
CA GLU A 268 -16.77 -2.61 11.73
C GLU A 268 -17.14 -4.09 11.92
N THR A 269 -17.90 -4.73 11.02
CA THR A 269 -18.55 -6.03 11.32
C THR A 269 -17.83 -7.19 10.66
N THR A 270 -17.91 -7.32 9.35
CA THR A 270 -17.42 -8.55 8.68
C THR A 270 -15.94 -8.73 9.00
N SER A 271 -15.19 -7.64 9.14
CA SER A 271 -13.75 -7.69 9.44
C SER A 271 -13.55 -8.34 10.82
N GLY A 272 -14.45 -8.05 11.76
CA GLY A 272 -14.39 -8.68 13.10
C GLY A 272 -14.65 -10.18 13.03
N LEU A 273 -15.69 -10.55 12.31
CA LEU A 273 -16.02 -11.97 12.09
C LEU A 273 -14.81 -12.72 11.50
N LEU A 274 -14.23 -12.22 10.41
CA LEU A 274 -13.11 -12.95 9.78
C LEU A 274 -11.95 -13.05 10.78
N SER A 275 -11.71 -11.99 11.56
CA SER A 275 -10.58 -11.99 12.50
C SER A 275 -10.84 -13.06 13.57
N PHE A 276 -12.04 -13.08 14.17
CA PHE A 276 -12.36 -14.11 15.19
C PHE A 276 -12.29 -15.52 14.59
N ALA A 277 -12.79 -15.68 13.37
CA ALA A 277 -12.78 -16.99 12.71
C ALA A 277 -11.34 -17.45 12.57
N LEU A 278 -10.44 -16.60 12.08
CA LEU A 278 -9.05 -17.05 11.92
C LEU A 278 -8.44 -17.34 13.31
N TYR A 279 -8.77 -16.55 14.32
CA TYR A 279 -8.30 -16.77 15.69
C TYR A 279 -8.67 -18.19 16.14
N PHE A 280 -9.95 -18.54 16.03
CA PHE A 280 -10.44 -19.85 16.47
C PHE A 280 -9.81 -20.96 15.63
N LEU A 281 -9.59 -20.75 14.33
CA LEU A 281 -8.96 -21.79 13.49
C LEU A 281 -7.53 -22.04 13.94
N VAL A 282 -6.76 -21.01 14.27
CA VAL A 282 -5.34 -21.30 14.62
C VAL A 282 -5.30 -21.86 16.03
N LYS A 283 -6.33 -21.62 16.87
CA LYS A 283 -6.36 -22.19 18.23
C LYS A 283 -6.93 -23.61 18.23
N ASN A 284 -7.47 -24.09 17.09
CA ASN A 284 -8.18 -25.38 17.00
C ASN A 284 -7.77 -26.05 15.70
N PRO A 285 -6.53 -26.59 15.63
CA PRO A 285 -6.00 -27.09 14.37
C PRO A 285 -6.81 -28.24 13.75
N HIS A 286 -7.54 -29.04 14.52
CA HIS A 286 -8.37 -30.10 13.90
C HIS A 286 -9.42 -29.39 13.02
N VAL A 287 -10.00 -28.32 13.57
CA VAL A 287 -11.05 -27.54 12.84
C VAL A 287 -10.45 -26.90 11.60
N LEU A 288 -9.25 -26.31 11.73
N LEU A 288 -9.25 -26.30 11.72
CA LEU A 288 -8.50 -25.71 10.60
CA LEU A 288 -8.55 -25.66 10.57
C LEU A 288 -8.30 -26.75 9.51
C LEU A 288 -8.35 -26.72 9.49
N GLN A 289 -7.86 -27.97 9.84
N GLN A 289 -7.89 -27.92 9.83
CA GLN A 289 -7.62 -29.05 8.85
CA GLN A 289 -7.64 -28.96 8.81
C GLN A 289 -8.94 -29.35 8.11
C GLN A 289 -8.94 -29.33 8.09
N LYS A 290 -10.05 -29.46 8.83
CA LYS A 290 -11.34 -29.87 8.22
C LYS A 290 -11.82 -28.75 7.27
N ALA A 291 -11.64 -27.50 7.67
CA ALA A 291 -12.03 -26.33 6.84
C ALA A 291 -11.11 -26.22 5.62
N ALA A 292 -9.81 -26.48 5.79
CA ALA A 292 -8.82 -26.39 4.69
C ALA A 292 -9.11 -27.53 3.71
N GLU A 293 -9.49 -28.71 4.19
CA GLU A 293 -9.84 -29.86 3.30
C GLU A 293 -11.02 -29.42 2.40
N GLU A 294 -12.03 -28.78 2.98
CA GLU A 294 -13.22 -28.38 2.19
C GLU A 294 -12.81 -27.33 1.15
N ALA A 295 -12.06 -26.33 1.55
CA ALA A 295 -11.61 -25.26 0.64
C ALA A 295 -10.83 -25.88 -0.53
N ALA A 296 -9.90 -26.79 -0.24
CA ALA A 296 -9.08 -27.44 -1.30
C ALA A 296 -10.02 -28.18 -2.26
N ARG A 297 -10.99 -28.92 -1.74
CA ARG A 297 -11.83 -29.81 -2.57
C ARG A 297 -12.83 -29.00 -3.42
N VAL A 298 -13.34 -27.91 -2.87
CA VAL A 298 -14.43 -27.11 -3.49
C VAL A 298 -13.86 -26.05 -4.44
N LEU A 299 -12.84 -25.30 -4.03
CA LEU A 299 -12.32 -24.15 -4.80
C LEU A 299 -11.26 -24.63 -5.82
N VAL A 300 -11.74 -25.30 -6.87
CA VAL A 300 -10.85 -26.04 -7.78
C VAL A 300 -10.38 -25.11 -8.90
N ASP A 301 -10.89 -23.89 -8.99
CA ASP A 301 -10.54 -22.92 -10.06
C ASP A 301 -9.70 -21.80 -9.47
N PRO A 302 -8.87 -21.11 -10.25
CA PRO A 302 -8.08 -20.02 -9.68
C PRO A 302 -8.91 -18.83 -9.16
N VAL A 303 -10.07 -18.61 -9.79
CA VAL A 303 -11.08 -17.58 -9.39
C VAL A 303 -12.28 -18.37 -8.83
N PRO A 304 -12.65 -18.25 -7.56
CA PRO A 304 -13.84 -18.92 -7.07
C PRO A 304 -15.08 -18.34 -7.75
N SER A 305 -16.05 -19.19 -8.03
CA SER A 305 -17.39 -18.87 -8.52
C SER A 305 -18.38 -18.74 -7.35
N TYR A 306 -19.50 -18.04 -7.62
CA TYR A 306 -20.64 -17.93 -6.70
C TYR A 306 -21.08 -19.34 -6.25
N LYS A 307 -21.22 -20.28 -7.20
CA LYS A 307 -21.71 -21.65 -6.88
C LYS A 307 -20.74 -22.37 -5.95
N GLN A 308 -19.44 -22.18 -6.15
CA GLN A 308 -18.43 -22.85 -5.29
C GLN A 308 -18.55 -22.26 -3.89
N VAL A 309 -18.67 -20.95 -3.75
CA VAL A 309 -18.79 -20.36 -2.39
C VAL A 309 -19.97 -21.01 -1.67
N LYS A 310 -21.08 -21.27 -2.38
CA LYS A 310 -22.30 -21.86 -1.75
C LYS A 310 -22.00 -23.25 -1.22
N GLN A 311 -21.04 -23.96 -1.78
CA GLN A 311 -20.70 -25.35 -1.37
C GLN A 311 -19.78 -25.37 -0.14
N LEU A 312 -19.24 -24.22 0.31
CA LEU A 312 -18.32 -24.21 1.49
C LEU A 312 -19.14 -24.30 2.80
N LYS A 313 -19.75 -25.44 3.02
CA LYS A 313 -20.67 -25.68 4.17
CA LYS A 313 -20.67 -25.65 4.17
C LYS A 313 -19.89 -25.55 5.48
N TYR A 314 -18.76 -26.26 5.59
CA TYR A 314 -18.02 -26.29 6.88
C TYR A 314 -17.40 -24.92 7.11
N VAL A 315 -16.98 -24.22 6.06
CA VAL A 315 -16.49 -22.81 6.24
C VAL A 315 -17.64 -21.97 6.82
N GLY A 316 -18.86 -22.20 6.37
CA GLY A 316 -20.03 -21.49 6.92
C GLY A 316 -20.26 -21.84 8.40
N MET A 317 -20.06 -23.11 8.77
CA MET A 317 -20.23 -23.55 10.18
C MET A 317 -19.17 -22.90 11.07
N VAL A 318 -17.96 -22.75 10.56
CA VAL A 318 -16.85 -22.06 11.28
C VAL A 318 -17.25 -20.61 11.54
N LEU A 319 -17.81 -19.96 10.54
CA LEU A 319 -18.23 -18.56 10.69
C LEU A 319 -19.36 -18.48 11.72
N ASN A 320 -20.33 -19.37 11.64
CA ASN A 320 -21.45 -19.35 12.61
C ASN A 320 -20.93 -19.59 14.05
N GLU A 321 -19.96 -20.50 14.24
CA GLU A 321 -19.40 -20.81 15.58
C GLU A 321 -18.61 -19.61 16.07
N ALA A 322 -17.92 -18.89 15.19
CA ALA A 322 -17.21 -17.66 15.61
C ALA A 322 -18.24 -16.60 16.01
N LEU A 323 -19.31 -16.46 15.26
CA LEU A 323 -20.43 -15.55 15.62
C LEU A 323 -21.05 -15.99 16.95
N ARG A 324 -21.09 -17.29 17.20
CA ARG A 324 -21.71 -17.75 18.46
C ARG A 324 -20.87 -17.21 19.63
N LEU A 325 -19.57 -17.50 19.64
CA LEU A 325 -18.73 -17.11 20.79
C LEU A 325 -18.45 -15.62 20.83
N TRP A 326 -18.23 -14.96 19.71
CA TRP A 326 -17.90 -13.52 19.70
C TRP A 326 -18.68 -12.83 18.60
N PRO A 327 -19.99 -12.62 18.83
CA PRO A 327 -20.84 -11.92 17.87
C PRO A 327 -20.32 -10.50 17.74
N THR A 328 -19.72 -10.21 16.59
CA THR A 328 -18.92 -8.97 16.43
C THR A 328 -19.82 -7.75 16.66
N ALA A 329 -21.10 -7.81 16.30
CA ALA A 329 -22.10 -6.81 16.73
C ALA A 329 -22.75 -7.41 17.97
N PRO A 330 -22.40 -6.97 19.20
CA PRO A 330 -22.71 -7.78 20.36
C PRO A 330 -24.04 -7.50 21.05
N ALA A 331 -24.81 -6.52 20.58
CA ALA A 331 -26.04 -6.16 21.30
C ALA A 331 -27.02 -5.49 20.35
N PHE A 332 -28.29 -5.57 20.72
CA PHE A 332 -29.36 -4.75 20.11
C PHE A 332 -30.37 -4.42 21.21
N SER A 333 -31.08 -3.33 20.99
CA SER A 333 -31.96 -2.67 21.97
C SER A 333 -33.42 -2.76 21.49
N LEU A 334 -34.33 -2.99 22.43
CA LEU A 334 -35.78 -3.12 22.21
C LEU A 334 -36.52 -2.18 23.17
N TYR A 335 -37.73 -1.78 22.80
CA TYR A 335 -38.66 -1.10 23.74
C TYR A 335 -39.97 -1.86 23.78
N ALA A 336 -40.61 -1.90 24.94
CA ALA A 336 -41.96 -2.48 25.11
C ALA A 336 -42.98 -1.55 24.42
N LYS A 337 -43.72 -2.09 23.47
CA LYS A 337 -44.77 -1.35 22.70
C LYS A 337 -45.95 -1.02 23.64
N GLU A 338 -46.21 -1.88 24.61
CA GLU A 338 -47.26 -1.69 25.65
C GLU A 338 -46.77 -2.27 26.97
N ASP A 339 -47.47 -1.93 28.06
CA ASP A 339 -47.37 -2.65 29.35
C ASP A 339 -47.42 -4.16 29.06
N THR A 340 -46.50 -4.92 29.64
CA THR A 340 -46.44 -6.38 29.42
C THR A 340 -45.65 -7.00 30.55
N VAL A 341 -45.74 -8.30 30.70
CA VAL A 341 -44.94 -9.04 31.71
C VAL A 341 -43.96 -9.93 30.96
N LEU A 342 -42.68 -9.75 31.25
CA LEU A 342 -41.61 -10.58 30.65
C LEU A 342 -41.43 -11.84 31.51
N GLY A 343 -41.59 -13.00 30.90
CA GLY A 343 -41.19 -14.29 31.48
C GLY A 343 -42.08 -14.65 32.64
N GLY A 344 -43.29 -14.09 32.68
CA GLY A 344 -44.27 -14.25 33.78
C GLY A 344 -43.76 -13.64 35.07
N GLU A 345 -42.63 -12.96 35.05
CA GLU A 345 -41.95 -12.56 36.32
C GLU A 345 -41.67 -11.06 36.36
N TYR A 346 -41.50 -10.37 35.24
CA TYR A 346 -40.88 -9.01 35.24
C TYR A 346 -41.81 -8.04 34.54
N PRO A 347 -42.63 -7.29 35.30
CA PRO A 347 -43.58 -6.36 34.68
C PRO A 347 -42.79 -5.23 34.02
N LEU A 348 -43.14 -4.94 32.78
CA LEU A 348 -42.61 -3.75 32.06
C LEU A 348 -43.74 -2.79 31.76
N GLU A 349 -43.40 -1.50 31.74
CA GLU A 349 -44.24 -0.39 31.24
C GLU A 349 -43.91 -0.13 29.75
N LYS A 350 -44.95 0.22 28.98
CA LYS A 350 -44.80 0.85 27.64
C LYS A 350 -43.56 1.74 27.60
N GLY A 351 -42.69 1.55 26.61
CA GLY A 351 -41.47 2.36 26.38
C GLY A 351 -40.25 1.88 27.17
N ASP A 352 -40.40 0.94 28.11
CA ASP A 352 -39.24 0.40 28.86
C ASP A 352 -38.23 -0.22 27.88
N GLU A 353 -36.95 0.04 28.13
CA GLU A 353 -35.80 -0.31 27.24
C GLU A 353 -35.17 -1.63 27.70
N LEU A 354 -34.94 -2.54 26.75
CA LEU A 354 -34.20 -3.81 26.95
C LEU A 354 -32.94 -3.77 26.09
N MET A 355 -31.84 -4.32 26.61
N MET A 355 -31.85 -4.37 26.61
CA MET A 355 -30.64 -4.61 25.81
CA MET A 355 -30.61 -4.61 25.81
C MET A 355 -30.51 -6.13 25.76
C MET A 355 -30.35 -6.11 25.77
N VAL A 356 -30.30 -6.68 24.57
CA VAL A 356 -29.99 -8.11 24.41
C VAL A 356 -28.48 -8.24 24.36
N LEU A 357 -27.91 -8.99 25.31
CA LEU A 357 -26.45 -9.26 25.34
C LEU A 357 -26.19 -10.52 24.51
N ILE A 358 -25.85 -10.34 23.25
CA ILE A 358 -25.82 -11.51 22.33
C ILE A 358 -24.74 -12.51 22.78
N PRO A 359 -23.52 -12.11 23.23
CA PRO A 359 -22.54 -13.12 23.70
C PRO A 359 -23.07 -13.99 24.84
N GLN A 360 -23.97 -13.44 25.66
CA GLN A 360 -24.51 -14.20 26.81
C GLN A 360 -25.59 -15.13 26.31
N LEU A 361 -26.44 -14.67 25.39
CA LEU A 361 -27.46 -15.53 24.77
C LEU A 361 -26.74 -16.77 24.23
N HIS A 362 -25.63 -16.55 23.53
CA HIS A 362 -24.86 -17.61 22.84
C HIS A 362 -24.09 -18.53 23.79
N ARG A 363 -24.11 -18.22 25.10
CA ARG A 363 -23.50 -19.06 26.14
C ARG A 363 -24.54 -19.68 27.06
N ASP A 364 -25.80 -19.64 26.71
CA ASP A 364 -26.91 -20.20 27.53
C ASP A 364 -26.76 -21.72 27.56
N LYS A 365 -26.28 -22.27 28.67
CA LYS A 365 -25.97 -23.72 28.73
C LYS A 365 -27.25 -24.53 28.61
N THR A 366 -28.42 -23.96 28.88
CA THR A 366 -29.68 -24.74 28.71
C THR A 366 -29.93 -24.99 27.23
N ILE A 367 -29.33 -24.20 26.33
CA ILE A 367 -29.51 -24.40 24.87
C ILE A 367 -28.31 -25.17 24.33
N TRP A 368 -27.10 -24.75 24.66
CA TRP A 368 -25.88 -25.24 23.94
C TRP A 368 -25.23 -26.42 24.65
N GLY A 369 -25.53 -26.67 25.94
CA GLY A 369 -24.89 -27.74 26.72
C GLY A 369 -23.74 -27.20 27.53
N ASP A 370 -23.02 -28.06 28.27
CA ASP A 370 -21.97 -27.60 29.21
C ASP A 370 -20.68 -27.24 28.46
N ASP A 371 -20.49 -27.66 27.20
CA ASP A 371 -19.26 -27.39 26.38
C ASP A 371 -19.33 -25.97 25.72
N VAL A 372 -20.09 -25.02 26.28
CA VAL A 372 -20.46 -23.73 25.63
C VAL A 372 -19.24 -22.87 25.25
N GLU A 373 -18.12 -22.95 25.97
CA GLU A 373 -16.91 -22.13 25.69
C GLU A 373 -16.03 -22.77 24.60
N GLU A 374 -16.34 -23.97 24.13
CA GLU A 374 -15.47 -24.70 23.20
C GLU A 374 -15.89 -24.29 21.80
N PHE A 375 -14.92 -24.25 20.91
CA PHE A 375 -15.14 -23.87 19.51
C PHE A 375 -15.41 -25.16 18.75
N ARG A 376 -16.66 -25.39 18.34
CA ARG A 376 -17.09 -26.67 17.74
CA ARG A 376 -17.08 -26.68 17.73
C ARG A 376 -18.08 -26.37 16.61
N PRO A 377 -17.60 -26.09 15.38
CA PRO A 377 -18.44 -25.75 14.24
C PRO A 377 -19.50 -26.83 13.99
N GLU A 378 -19.22 -28.03 14.48
CA GLU A 378 -20.13 -29.20 14.29
C GLU A 378 -21.47 -28.91 14.98
N ARG A 379 -21.55 -27.99 15.93
CA ARG A 379 -22.85 -27.65 16.56
C ARG A 379 -23.83 -27.19 15.48
N PHE A 380 -23.31 -26.66 14.38
CA PHE A 380 -24.10 -26.03 13.30
C PHE A 380 -24.26 -26.99 12.13
N GLU A 381 -23.93 -28.27 12.28
CA GLU A 381 -23.91 -29.23 11.13
C GLU A 381 -25.34 -29.38 10.62
N ASN A 382 -26.31 -29.26 11.52
CA ASN A 382 -27.76 -29.47 11.27
C ASN A 382 -28.46 -28.20 11.75
N PRO A 383 -28.72 -27.25 10.84
CA PRO A 383 -29.28 -25.96 11.25
C PRO A 383 -30.62 -26.13 12.00
N SER A 384 -31.38 -27.16 11.67
N SER A 384 -31.39 -27.17 11.69
CA SER A 384 -32.73 -27.44 12.25
CA SER A 384 -32.75 -27.40 12.26
C SER A 384 -32.65 -27.60 13.78
C SER A 384 -32.69 -27.69 13.76
N ALA A 385 -31.54 -28.15 14.27
CA ALA A 385 -31.33 -28.43 15.71
C ALA A 385 -31.15 -27.13 16.51
N ILE A 386 -30.94 -25.97 15.88
CA ILE A 386 -30.76 -24.70 16.62
C ILE A 386 -32.16 -24.19 16.97
N PRO A 387 -32.56 -24.10 18.24
CA PRO A 387 -33.87 -23.53 18.58
C PRO A 387 -34.05 -22.08 18.14
N GLN A 388 -35.31 -21.70 17.90
CA GLN A 388 -35.64 -20.31 17.45
C GLN A 388 -35.16 -19.33 18.54
N HIS A 389 -34.54 -18.24 18.12
CA HIS A 389 -34.10 -17.13 18.98
C HIS A 389 -32.93 -17.55 19.88
N ALA A 390 -32.29 -18.69 19.64
CA ALA A 390 -31.08 -19.08 20.41
C ALA A 390 -29.84 -18.40 19.83
N PHE A 391 -29.85 -18.10 18.55
CA PHE A 391 -28.64 -17.66 17.81
C PHE A 391 -29.02 -16.38 17.04
N LYS A 392 -28.50 -15.23 17.45
N LYS A 392 -28.56 -15.21 17.47
CA LYS A 392 -29.02 -13.93 16.94
CA LYS A 392 -29.05 -13.94 16.87
C LYS A 392 -27.90 -12.97 16.58
C LYS A 392 -27.90 -12.97 16.57
N PRO A 393 -26.84 -13.39 15.86
CA PRO A 393 -25.74 -12.46 15.57
C PRO A 393 -26.17 -11.36 14.59
N PHE A 394 -27.28 -11.53 13.89
CA PHE A 394 -27.78 -10.56 12.88
C PHE A 394 -29.05 -9.86 13.40
N GLY A 395 -29.31 -9.92 14.71
CA GLY A 395 -30.48 -9.24 15.26
C GLY A 395 -31.77 -9.99 14.98
N ASN A 396 -32.89 -9.27 14.89
CA ASN A 396 -34.22 -9.91 15.01
C ASN A 396 -35.25 -9.32 14.07
N GLY A 397 -35.99 -10.21 13.37
CA GLY A 397 -37.23 -9.84 12.68
C GLY A 397 -37.01 -8.85 11.56
N GLN A 398 -37.95 -7.93 11.35
CA GLN A 398 -37.89 -6.99 10.21
C GLN A 398 -36.72 -6.01 10.42
N ARG A 399 -36.22 -5.86 11.67
CA ARG A 399 -35.05 -4.99 11.95
C ARG A 399 -33.75 -5.80 11.99
N ALA A 400 -33.76 -7.04 11.48
CA ALA A 400 -32.54 -7.87 11.42
C ALA A 400 -31.60 -7.26 10.36
N CYS A 401 -30.35 -7.69 10.36
CA CYS A 401 -29.31 -7.17 9.46
C CYS A 401 -29.72 -7.33 7.99
N ILE A 402 -29.86 -6.23 7.25
CA ILE A 402 -30.17 -6.37 5.81
C ILE A 402 -28.95 -6.97 5.09
N GLY A 403 -27.76 -6.82 5.68
CA GLY A 403 -26.48 -7.19 5.03
C GLY A 403 -26.07 -8.62 5.31
N GLN A 404 -26.94 -9.43 5.89
CA GLN A 404 -26.53 -10.76 6.40
C GLN A 404 -25.98 -11.62 5.26
N GLN A 405 -26.68 -11.66 4.13
N GLN A 405 -26.68 -11.66 4.14
CA GLN A 405 -26.28 -12.55 3.00
CA GLN A 405 -26.30 -12.53 2.99
C GLN A 405 -24.99 -12.00 2.39
C GLN A 405 -24.99 -12.00 2.42
N PHE A 406 -24.86 -10.68 2.34
CA PHE A 406 -23.67 -10.01 1.82
C PHE A 406 -22.48 -10.39 2.70
N ALA A 407 -22.58 -10.14 4.02
CA ALA A 407 -21.49 -10.40 4.98
C ALA A 407 -21.05 -11.87 4.89
N LEU A 408 -22.00 -12.79 4.93
CA LEU A 408 -21.67 -14.23 4.95
C LEU A 408 -21.10 -14.67 3.61
N HIS A 409 -21.57 -14.08 2.50
CA HIS A 409 -21.00 -14.43 1.18
C HIS A 409 -19.55 -13.99 1.15
N GLU A 410 -19.27 -12.74 1.50
CA GLU A 410 -17.90 -12.22 1.50
C GLU A 410 -17.05 -13.07 2.47
N ALA A 411 -17.49 -13.27 3.72
CA ALA A 411 -16.65 -13.97 4.74
C ALA A 411 -16.37 -15.40 4.30
N THR A 412 -17.34 -16.07 3.69
CA THR A 412 -17.17 -17.47 3.27
C THR A 412 -16.17 -17.51 2.11
N LEU A 413 -16.30 -16.58 1.16
CA LEU A 413 -15.43 -16.49 -0.02
C LEU A 413 -14.01 -16.27 0.46
N VAL A 414 -13.82 -15.27 1.31
CA VAL A 414 -12.46 -14.84 1.75
C VAL A 414 -11.83 -15.93 2.60
N LEU A 415 -12.55 -16.46 3.60
CA LEU A 415 -12.00 -17.52 4.49
C LEU A 415 -11.68 -18.74 3.63
N GLY A 416 -12.55 -19.09 2.69
CA GLY A 416 -12.30 -20.19 1.74
C GLY A 416 -10.97 -19.99 1.01
N MET A 417 -10.77 -18.81 0.44
CA MET A 417 -9.54 -18.54 -0.32
C MET A 417 -8.34 -18.54 0.63
N MET A 418 -8.45 -17.95 1.82
CA MET A 418 -7.35 -17.98 2.81
C MET A 418 -6.93 -19.44 3.10
N LEU A 419 -7.87 -20.34 3.35
CA LEU A 419 -7.58 -21.75 3.69
C LEU A 419 -7.07 -22.52 2.48
N LYS A 420 -7.50 -22.15 1.29
CA LYS A 420 -6.99 -22.80 0.06
C LYS A 420 -5.52 -22.46 -0.17
N HIS A 421 -5.15 -21.20 0.07
CA HIS A 421 -3.88 -20.65 -0.41
C HIS A 421 -2.76 -20.74 0.63
N PHE A 422 -3.06 -20.81 1.95
CA PHE A 422 -2.04 -20.70 3.01
C PHE A 422 -2.26 -21.74 4.12
N ASP A 423 -1.15 -22.15 4.75
CA ASP A 423 -1.16 -22.73 6.11
C ASP A 423 -0.92 -21.56 7.07
N PHE A 424 -1.42 -21.67 8.28
CA PHE A 424 -1.30 -20.56 9.25
C PHE A 424 -0.61 -21.03 10.51
N GLU A 425 0.17 -20.15 11.10
CA GLU A 425 0.86 -20.39 12.39
C GLU A 425 0.50 -19.29 13.39
N ASP A 426 0.14 -19.68 14.59
CA ASP A 426 -0.06 -18.80 15.77
C ASP A 426 1.32 -18.65 16.43
N HIS A 427 2.22 -17.93 15.77
CA HIS A 427 3.67 -17.88 16.07
C HIS A 427 3.92 -17.16 17.40
N THR A 428 3.02 -16.32 17.87
CA THR A 428 3.18 -15.59 19.16
C THR A 428 2.42 -16.29 20.30
N ASN A 429 1.70 -17.36 20.04
CA ASN A 429 0.75 -17.93 21.04
C ASN A 429 -0.11 -16.76 21.56
N TYR A 430 -0.83 -16.12 20.65
CA TYR A 430 -1.59 -14.87 20.86
C TYR A 430 -2.62 -15.04 21.98
N GLU A 431 -2.61 -14.13 22.93
CA GLU A 431 -3.62 -14.08 24.00
C GLU A 431 -4.76 -13.14 23.57
N LEU A 432 -5.97 -13.67 23.48
CA LEU A 432 -7.14 -12.89 23.02
C LEU A 432 -7.32 -11.65 23.87
N ASP A 433 -7.38 -10.52 23.19
CA ASP A 433 -7.57 -9.16 23.76
C ASP A 433 -8.63 -8.51 22.88
N ILE A 434 -9.81 -8.25 23.40
CA ILE A 434 -10.92 -7.85 22.49
C ILE A 434 -11.12 -6.36 22.63
N LYS A 435 -10.84 -5.63 21.56
CA LYS A 435 -11.07 -4.17 21.47
C LYS A 435 -12.54 -3.91 21.13
N GLU A 436 -13.13 -2.89 21.76
CA GLU A 436 -14.53 -2.52 21.50
C GLU A 436 -14.62 -1.15 20.82
N THR A 437 -15.35 -1.08 19.75
CA THR A 437 -15.86 0.17 19.13
C THR A 437 -17.37 0.08 19.23
N LEU A 438 -18.08 0.19 18.12
CA LEU A 438 -19.46 -0.31 18.00
C LEU A 438 -19.40 -1.84 18.08
N THR A 439 -18.28 -2.43 17.64
CA THR A 439 -18.18 -3.88 17.44
C THR A 439 -16.99 -4.45 18.24
N LEU A 440 -16.84 -5.75 18.19
CA LEU A 440 -15.74 -6.46 18.85
C LEU A 440 -14.72 -6.91 17.80
N LYS A 441 -13.43 -6.75 18.09
CA LYS A 441 -12.33 -7.29 17.26
C LYS A 441 -11.21 -7.77 18.16
N PRO A 442 -10.46 -8.81 17.74
CA PRO A 442 -9.27 -9.22 18.46
C PRO A 442 -8.03 -8.34 18.22
N GLU A 443 -7.74 -7.44 19.14
CA GLU A 443 -6.64 -6.46 18.99
C GLU A 443 -5.27 -7.17 19.08
N GLY A 444 -4.35 -6.79 18.19
CA GLY A 444 -2.96 -7.31 18.23
C GLY A 444 -2.87 -8.72 17.69
N PHE A 445 -3.95 -9.32 17.15
CA PHE A 445 -3.90 -10.72 16.63
C PHE A 445 -3.02 -10.72 15.38
N VAL A 446 -1.95 -11.52 15.42
CA VAL A 446 -0.95 -11.66 14.34
C VAL A 446 -0.77 -13.17 14.08
N VAL A 447 -0.49 -13.52 12.85
CA VAL A 447 -0.19 -14.91 12.44
C VAL A 447 0.93 -14.87 11.40
N LYS A 448 1.53 -16.00 11.11
CA LYS A 448 2.40 -16.17 9.95
C LYS A 448 1.66 -17.09 9.00
N ALA A 449 1.74 -16.80 7.73
CA ALA A 449 1.16 -17.67 6.69
C ALA A 449 2.32 -18.31 5.93
N LYS A 450 2.13 -19.56 5.55
CA LYS A 450 3.05 -20.26 4.64
C LYS A 450 2.25 -20.61 3.40
N SER A 451 2.69 -20.11 2.26
CA SER A 451 1.97 -20.27 1.00
C SER A 451 1.92 -21.77 0.66
N LYS A 452 0.79 -22.24 0.17
CA LYS A 452 0.67 -23.58 -0.45
C LYS A 452 1.12 -23.49 -1.92
N LYS A 453 1.45 -22.29 -2.41
CA LYS A 453 1.99 -22.08 -3.78
C LYS A 453 0.98 -22.56 -4.82
N ILE A 454 -0.27 -22.16 -4.67
CA ILE A 454 -1.34 -22.44 -5.64
C ILE A 454 -1.60 -21.15 -6.40
N PRO A 455 -1.49 -21.18 -7.74
CA PRO A 455 -1.60 -19.98 -8.57
C PRO A 455 -3.01 -19.39 -8.53
N LEU A 456 -3.09 -18.05 -8.60
CA LEU A 456 -4.36 -17.31 -8.88
C LEU A 456 -4.57 -17.13 -10.39
N ILE B 3 48.40 27.00 -25.43
CA ILE B 3 48.08 26.67 -24.00
C ILE B 3 47.50 27.92 -23.30
N LYS B 4 46.36 27.73 -22.62
CA LYS B 4 45.40 28.78 -22.19
C LYS B 4 45.18 28.67 -20.68
N GLU B 5 44.87 29.79 -20.05
CA GLU B 5 44.27 29.81 -18.70
C GLU B 5 42.82 29.33 -18.78
N MET B 6 42.44 28.47 -17.86
CA MET B 6 41.07 27.95 -17.73
C MET B 6 40.19 29.00 -17.05
N PRO B 7 38.95 29.28 -17.53
CA PRO B 7 38.00 30.13 -16.83
C PRO B 7 37.66 29.54 -15.45
N GLN B 8 37.29 30.39 -14.52
CA GLN B 8 36.92 30.03 -13.13
C GLN B 8 35.74 30.89 -12.72
N PRO B 9 34.70 30.31 -12.07
CA PRO B 9 33.59 31.13 -11.62
C PRO B 9 33.96 31.99 -10.40
N LYS B 10 32.99 32.78 -9.98
CA LYS B 10 33.20 33.79 -8.92
C LYS B 10 33.63 33.12 -7.60
N THR B 11 34.52 33.78 -6.86
CA THR B 11 35.13 33.28 -5.61
C THR B 11 34.61 34.05 -4.41
N PHE B 12 34.77 33.43 -3.24
CA PHE B 12 34.28 33.91 -1.92
C PHE B 12 35.44 33.94 -0.93
N GLY B 13 36.49 34.72 -1.25
CA GLY B 13 37.66 34.83 -0.36
C GLY B 13 38.26 33.45 -0.12
N GLU B 14 38.50 33.12 1.14
CA GLU B 14 39.23 31.90 1.51
C GLU B 14 38.42 30.65 1.14
N LEU B 15 37.11 30.76 1.01
CA LEU B 15 36.26 29.61 0.61
C LEU B 15 36.36 29.36 -0.91
N LYS B 16 37.02 30.22 -1.67
CA LYS B 16 37.20 30.05 -3.14
C LYS B 16 35.82 29.84 -3.77
N ASN B 17 35.58 28.75 -4.51
CA ASN B 17 34.27 28.60 -5.22
C ASN B 17 33.27 27.79 -4.40
N LEU B 18 33.68 27.26 -3.24
CA LEU B 18 32.86 26.28 -2.51
C LEU B 18 31.42 26.76 -2.32
N PRO B 19 31.13 28.02 -1.91
CA PRO B 19 29.78 28.47 -1.66
C PRO B 19 28.82 28.40 -2.85
N LEU B 20 29.32 28.36 -4.10
CA LEU B 20 28.46 28.16 -5.29
C LEU B 20 27.67 26.86 -5.20
N LEU B 21 28.16 25.84 -4.51
CA LEU B 21 27.46 24.54 -4.44
C LEU B 21 26.71 24.45 -3.11
N ASN B 22 26.58 25.56 -2.38
CA ASN B 22 25.73 25.60 -1.15
C ASN B 22 24.28 25.82 -1.61
N THR B 23 23.66 24.78 -2.17
CA THR B 23 22.33 24.81 -2.82
C THR B 23 21.79 23.38 -2.77
N ASP B 24 20.48 23.20 -2.82
CA ASP B 24 19.94 21.83 -2.97
C ASP B 24 20.05 21.37 -4.44
N LYS B 25 20.52 22.21 -5.36
CA LYS B 25 20.56 21.85 -6.81
C LYS B 25 21.94 22.14 -7.40
N PRO B 26 23.00 21.49 -6.85
CA PRO B 26 24.36 21.82 -7.26
C PRO B 26 24.67 21.45 -8.72
N VAL B 27 24.10 20.34 -9.21
CA VAL B 27 24.35 19.95 -10.63
C VAL B 27 23.79 21.04 -11.53
N GLN B 28 22.58 21.52 -11.26
CA GLN B 28 21.94 22.56 -12.09
C GLN B 28 22.73 23.87 -11.96
N ALA B 29 23.27 24.17 -10.80
CA ALA B 29 24.16 25.33 -10.58
C ALA B 29 25.42 25.21 -11.45
N LEU B 30 26.02 24.01 -11.51
CA LEU B 30 27.22 23.76 -12.34
C LEU B 30 26.88 23.86 -13.82
N MET B 31 25.70 23.40 -14.22
CA MET B 31 25.19 23.60 -15.61
C MET B 31 25.12 25.10 -15.97
N LYS B 32 24.57 25.95 -15.12
CA LYS B 32 24.46 27.40 -15.41
C LYS B 32 25.88 27.99 -15.48
N ILE B 33 26.83 27.50 -14.67
CA ILE B 33 28.24 28.00 -14.71
C ILE B 33 28.81 27.61 -16.07
N ALA B 34 28.58 26.36 -16.49
CA ALA B 34 29.06 25.87 -17.80
C ALA B 34 28.46 26.73 -18.93
N ASP B 35 27.17 27.01 -18.90
CA ASP B 35 26.57 27.87 -19.96
C ASP B 35 27.28 29.22 -20.05
N GLU B 36 27.72 29.77 -18.91
N GLU B 36 27.73 29.78 -18.92
CA GLU B 36 28.37 31.10 -18.84
CA GLU B 36 28.36 31.12 -18.88
C GLU B 36 29.81 31.01 -19.33
C GLU B 36 29.82 31.01 -19.32
N LEU B 37 30.56 29.99 -18.85
CA LEU B 37 32.01 29.91 -18.98
C LEU B 37 32.46 29.00 -20.12
N GLY B 38 31.65 28.05 -20.55
CA GLY B 38 31.93 27.27 -21.77
C GLY B 38 32.40 25.86 -21.43
N GLU B 39 33.28 25.32 -22.26
CA GLU B 39 33.48 23.86 -22.35
C GLU B 39 34.29 23.37 -21.15
N ILE B 40 35.02 24.25 -20.45
CA ILE B 40 35.84 23.84 -19.30
C ILE B 40 35.93 24.99 -18.31
N PHE B 41 35.86 24.64 -17.04
CA PHE B 41 36.17 25.64 -15.97
C PHE B 41 36.80 24.91 -14.79
N LYS B 42 37.57 25.69 -14.04
CA LYS B 42 38.27 25.23 -12.83
C LYS B 42 37.36 25.59 -11.67
N PHE B 43 37.26 24.70 -10.73
CA PHE B 43 36.46 24.90 -9.51
C PHE B 43 37.37 24.61 -8.34
N GLU B 44 37.60 25.63 -7.51
CA GLU B 44 38.53 25.51 -6.36
C GLU B 44 37.75 25.54 -5.05
N ALA B 45 38.11 24.69 -4.11
CA ALA B 45 37.64 24.73 -2.70
C ALA B 45 38.88 24.65 -1.82
N PRO B 46 38.80 24.96 -0.50
CA PRO B 46 39.96 24.78 0.38
C PRO B 46 40.52 23.36 0.15
N GLY B 47 41.75 23.30 -0.36
CA GLY B 47 42.54 22.08 -0.49
C GLY B 47 42.10 21.19 -1.65
N ARG B 48 41.35 21.70 -2.63
CA ARG B 48 40.78 20.83 -3.67
C ARG B 48 40.64 21.64 -4.97
N VAL B 49 40.92 21.01 -6.08
CA VAL B 49 40.67 21.60 -7.43
CA VAL B 49 40.62 21.61 -7.41
C VAL B 49 39.95 20.54 -8.27
N THR B 50 38.90 20.91 -8.98
CA THR B 50 38.27 20.04 -9.97
C THR B 50 38.06 20.83 -11.23
N ARG B 51 38.07 20.18 -12.37
N ARG B 51 38.13 20.18 -12.39
CA ARG B 51 37.81 20.84 -13.66
CA ARG B 51 37.85 20.82 -13.69
C ARG B 51 36.56 20.22 -14.25
C ARG B 51 36.56 20.21 -14.25
N TYR B 52 35.61 21.06 -14.64
CA TYR B 52 34.30 20.62 -15.15
C TYR B 52 34.35 20.68 -16.66
N LEU B 53 34.12 19.55 -17.32
CA LEU B 53 34.12 19.41 -18.79
CA LEU B 53 34.11 19.43 -18.80
C LEU B 53 32.68 19.36 -19.32
N SER B 54 32.39 20.08 -20.40
CA SER B 54 31.02 20.15 -20.98
C SER B 54 30.95 19.87 -22.50
N SER B 55 32.06 19.91 -23.22
CA SER B 55 32.08 19.79 -24.69
C SER B 55 32.43 18.37 -25.06
N GLN B 56 31.85 17.89 -26.15
CA GLN B 56 32.26 16.59 -26.75
C GLN B 56 33.75 16.69 -27.10
N ARG B 57 34.22 17.86 -27.56
CA ARG B 57 35.63 18.01 -27.98
C ARG B 57 36.57 17.57 -26.83
N LEU B 58 36.32 17.99 -25.59
CA LEU B 58 37.20 17.66 -24.46
C LEU B 58 36.79 16.32 -23.86
N ILE B 59 35.50 16.02 -23.79
CA ILE B 59 35.07 14.75 -23.15
C ILE B 59 35.55 13.55 -23.98
N LYS B 60 35.65 13.67 -25.30
CA LYS B 60 36.15 12.53 -26.12
C LYS B 60 37.59 12.20 -25.68
N GLU B 61 38.38 13.21 -25.28
CA GLU B 61 39.75 12.93 -24.78
C GLU B 61 39.71 12.37 -23.36
N ALA B 62 38.83 12.87 -22.51
CA ALA B 62 38.75 12.40 -21.10
C ALA B 62 38.34 10.92 -21.09
N CYS B 63 37.64 10.46 -22.11
CA CYS B 63 37.14 9.06 -22.23
C CYS B 63 38.21 8.11 -22.78
N ASP B 64 39.40 8.63 -23.06
CA ASP B 64 40.57 7.83 -23.48
C ASP B 64 41.14 7.10 -22.24
N GLU B 65 40.91 5.80 -22.11
CA GLU B 65 41.28 5.06 -20.88
C GLU B 65 42.81 4.93 -20.75
N SER B 66 43.57 5.18 -21.83
CA SER B 66 45.04 5.14 -21.70
C SER B 66 45.51 6.40 -20.94
N ARG B 67 44.69 7.45 -20.88
CA ARG B 67 45.11 8.74 -20.27
C ARG B 67 44.36 9.02 -18.96
N PHE B 68 43.12 8.54 -18.83
CA PHE B 68 42.24 8.89 -17.70
C PHE B 68 41.56 7.61 -17.20
N ASP B 69 41.47 7.49 -15.89
CA ASP B 69 40.76 6.42 -15.18
C ASP B 69 39.63 7.03 -14.35
N LYS B 70 38.66 6.20 -13.97
CA LYS B 70 37.59 6.63 -13.03
C LYS B 70 38.20 7.11 -11.72
N ASN B 71 37.74 8.28 -11.32
CA ASN B 71 38.02 8.87 -10.01
C ASN B 71 36.82 8.63 -9.10
N LEU B 72 37.04 8.40 -7.80
CA LEU B 72 35.96 8.57 -6.80
C LEU B 72 35.85 10.05 -6.47
N SER B 73 34.81 10.70 -6.97
CA SER B 73 34.41 12.07 -6.56
C SER B 73 34.28 12.04 -5.03
N GLN B 74 34.33 13.18 -4.39
CA GLN B 74 34.10 13.29 -2.94
C GLN B 74 32.74 12.68 -2.63
N ALA B 75 31.75 12.86 -3.51
CA ALA B 75 30.40 12.26 -3.30
C ALA B 75 30.52 10.74 -3.17
N LEU B 76 31.24 10.11 -4.10
CA LEU B 76 31.38 8.63 -4.07
CA LEU B 76 31.41 8.63 -4.09
C LEU B 76 32.27 8.21 -2.89
N LYS B 77 33.24 9.03 -2.47
CA LYS B 77 34.04 8.65 -1.28
C LYS B 77 33.13 8.60 -0.04
N PHE B 78 32.16 9.51 0.06
CA PHE B 78 31.18 9.54 1.19
C PHE B 78 30.21 8.37 1.05
N VAL B 79 29.77 8.04 -0.17
CA VAL B 79 28.87 6.87 -0.40
C VAL B 79 29.62 5.58 -0.03
N ARG B 80 30.94 5.56 -0.23
CA ARG B 80 31.78 4.36 0.04
C ARG B 80 31.70 3.97 1.52
N ASP B 81 31.37 4.90 2.40
CA ASP B 81 31.15 4.55 3.83
C ASP B 81 30.06 3.50 3.97
N PHE B 82 29.13 3.37 3.02
CA PHE B 82 28.15 2.25 3.09
C PHE B 82 28.14 1.38 1.85
N ALA B 83 28.66 1.84 0.71
CA ALA B 83 28.74 1.00 -0.52
C ALA B 83 30.11 0.31 -0.63
N GLY B 84 31.06 0.68 0.23
CA GLY B 84 32.34 -0.03 0.41
C GLY B 84 33.08 -0.19 -0.91
N ASP B 85 33.65 -1.37 -1.12
CA ASP B 85 34.38 -1.66 -2.37
C ASP B 85 33.47 -2.50 -3.26
N GLY B 86 32.17 -2.20 -3.25
CA GLY B 86 31.29 -2.58 -4.37
C GLY B 86 31.74 -1.98 -5.69
N LEU B 87 31.16 -2.41 -6.80
CA LEU B 87 31.67 -2.05 -8.14
C LEU B 87 31.68 -0.54 -8.38
N PHE B 88 30.72 0.21 -7.80
CA PHE B 88 30.51 1.63 -8.14
C PHE B 88 31.47 2.51 -7.35
N THR B 89 31.89 2.07 -6.16
CA THR B 89 32.71 2.90 -5.24
C THR B 89 34.13 2.29 -5.06
N SER B 90 34.54 1.38 -5.96
N SER B 90 34.51 1.40 -5.98
CA SER B 90 35.91 0.80 -5.98
CA SER B 90 35.88 0.81 -6.07
C SER B 90 36.77 1.48 -7.04
C SER B 90 36.75 1.64 -7.01
N TRP B 91 38.05 1.65 -6.74
CA TRP B 91 39.05 2.09 -7.71
C TRP B 91 39.28 0.93 -8.68
N THR B 92 39.59 1.22 -9.92
CA THR B 92 39.87 0.20 -10.96
C THR B 92 41.06 -0.70 -10.55
N HIS B 93 42.00 -0.17 -9.80
CA HIS B 93 43.22 -0.90 -9.34
C HIS B 93 43.00 -1.75 -8.08
N GLU B 94 41.88 -1.61 -7.38
CA GLU B 94 41.59 -2.49 -6.23
C GLU B 94 41.23 -3.88 -6.72
N LYS B 95 41.84 -4.89 -6.11
CA LYS B 95 41.61 -6.29 -6.50
C LYS B 95 40.11 -6.58 -6.66
N ASN B 96 39.29 -6.15 -5.71
CA ASN B 96 37.85 -6.49 -5.69
C ASN B 96 37.06 -5.85 -6.85
N TRP B 97 37.58 -4.83 -7.53
CA TRP B 97 36.87 -4.22 -8.68
C TRP B 97 36.87 -5.26 -9.80
N LYS B 98 38.05 -5.71 -10.26
CA LYS B 98 38.11 -6.60 -11.45
C LYS B 98 37.52 -7.97 -11.08
N LYS B 99 37.74 -8.44 -9.85
CA LYS B 99 37.19 -9.74 -9.42
C LYS B 99 35.65 -9.71 -9.46
N ALA B 100 35.01 -8.72 -8.86
CA ALA B 100 33.53 -8.58 -8.86
C ALA B 100 33.06 -8.33 -10.29
N HIS B 101 33.77 -7.50 -11.06
CA HIS B 101 33.38 -7.22 -12.47
C HIS B 101 33.35 -8.54 -13.22
N ASN B 102 34.41 -9.34 -13.13
CA ASN B 102 34.45 -10.62 -13.88
C ASN B 102 33.30 -11.53 -13.46
N ILE B 103 33.01 -11.61 -12.18
CA ILE B 103 31.95 -12.51 -11.64
C ILE B 103 30.56 -12.03 -12.07
N LEU B 104 30.33 -10.73 -12.07
CA LEU B 104 28.95 -10.18 -12.20
C LEU B 104 28.61 -9.93 -13.67
N LEU B 105 29.59 -9.79 -14.57
CA LEU B 105 29.28 -9.49 -15.99
C LEU B 105 28.24 -10.44 -16.57
N PRO B 106 28.39 -11.79 -16.42
CA PRO B 106 27.39 -12.72 -16.96
C PRO B 106 25.98 -12.52 -16.36
N SER B 107 25.89 -12.04 -15.12
CA SER B 107 24.62 -11.77 -14.41
C SER B 107 23.86 -10.61 -15.04
N PHE B 108 24.55 -9.78 -15.84
CA PHE B 108 24.06 -8.44 -16.26
C PHE B 108 23.94 -8.39 -17.77
N SER B 109 24.16 -9.53 -18.42
CA SER B 109 24.15 -9.59 -19.89
C SER B 109 22.71 -9.55 -20.41
N GLN B 110 22.59 -9.23 -21.69
CA GLN B 110 21.29 -9.33 -22.41
C GLN B 110 20.74 -10.75 -22.21
N GLN B 111 21.55 -11.81 -22.29
CA GLN B 111 21.05 -13.20 -22.02
C GLN B 111 20.45 -13.30 -20.61
N ALA B 112 21.09 -12.71 -19.59
CA ALA B 112 20.62 -12.83 -18.19
C ALA B 112 19.23 -12.18 -18.07
N MET B 113 18.94 -11.20 -18.91
CA MET B 113 17.68 -10.43 -18.82
C MET B 113 16.51 -11.38 -19.05
N LYS B 114 16.71 -12.47 -19.81
CA LYS B 114 15.63 -13.43 -20.09
C LYS B 114 15.17 -14.07 -18.79
N GLY B 115 16.08 -14.27 -17.86
CA GLY B 115 15.79 -14.88 -16.56
C GLY B 115 15.21 -13.86 -15.59
N TYR B 116 15.53 -12.56 -15.70
CA TYR B 116 14.95 -11.50 -14.84
C TYR B 116 13.56 -11.02 -15.28
N HIS B 117 13.21 -11.27 -16.54
CA HIS B 117 12.04 -10.68 -17.22
C HIS B 117 10.78 -10.97 -16.39
N ALA B 118 10.54 -12.22 -16.00
CA ALA B 118 9.32 -12.61 -15.24
C ALA B 118 9.17 -11.78 -13.95
N MET B 119 10.27 -11.56 -13.24
N MET B 119 10.24 -11.52 -13.21
CA MET B 119 10.27 -10.77 -11.97
CA MET B 119 10.05 -10.77 -11.95
C MET B 119 9.95 -9.30 -12.30
C MET B 119 10.04 -9.24 -12.23
N MET B 120 10.58 -8.76 -13.35
CA MET B 120 10.31 -7.37 -13.81
C MET B 120 8.81 -7.25 -14.14
N VAL B 121 8.25 -8.25 -14.81
CA VAL B 121 6.80 -8.21 -15.20
C VAL B 121 5.95 -8.22 -13.92
N ASP B 122 6.37 -8.95 -12.88
CA ASP B 122 5.59 -9.04 -11.62
C ASP B 122 5.40 -7.62 -11.05
N ILE B 123 6.46 -6.84 -10.98
CA ILE B 123 6.40 -5.45 -10.43
C ILE B 123 5.66 -4.53 -11.42
N ALA B 124 5.93 -4.63 -12.70
CA ALA B 124 5.32 -3.75 -13.72
C ALA B 124 3.81 -3.97 -13.71
N VAL B 125 3.39 -5.22 -13.60
CA VAL B 125 1.95 -5.53 -13.47
C VAL B 125 1.37 -4.89 -12.19
N GLN B 126 2.10 -4.87 -11.09
CA GLN B 126 1.64 -4.17 -9.86
C GLN B 126 1.41 -2.66 -10.13
N LEU B 127 2.30 -2.02 -10.91
N LEU B 127 2.30 -2.03 -10.91
CA LEU B 127 2.13 -0.59 -11.25
CA LEU B 127 2.17 -0.58 -11.25
C LEU B 127 0.84 -0.41 -12.06
C LEU B 127 0.90 -0.37 -12.09
N VAL B 128 0.71 -1.18 -13.13
CA VAL B 128 -0.46 -1.08 -14.01
C VAL B 128 -1.76 -1.29 -13.20
N GLN B 129 -1.84 -2.31 -12.35
N GLN B 129 -1.83 -2.31 -12.35
CA GLN B 129 -3.04 -2.56 -11.53
CA GLN B 129 -3.03 -2.59 -11.52
C GLN B 129 -3.29 -1.36 -10.60
C GLN B 129 -3.29 -1.41 -10.57
N LYS B 130 -2.26 -0.81 -9.96
CA LYS B 130 -2.42 0.38 -9.09
C LYS B 130 -3.14 1.47 -9.90
N TRP B 131 -2.64 1.75 -11.10
CA TRP B 131 -3.20 2.86 -11.89
C TRP B 131 -4.61 2.50 -12.38
N GLU B 132 -4.86 1.23 -12.72
CA GLU B 132 -6.21 0.77 -13.15
C GLU B 132 -7.20 1.02 -12.01
N ARG B 133 -6.73 1.00 -10.78
CA ARG B 133 -7.58 1.02 -9.58
C ARG B 133 -7.74 2.43 -9.05
N LEU B 134 -7.16 3.45 -9.69
CA LEU B 134 -7.43 4.84 -9.25
C LEU B 134 -8.85 5.22 -9.63
N ASN B 135 -9.45 6.07 -8.81
CA ASN B 135 -10.81 6.63 -9.01
C ASN B 135 -10.72 7.82 -9.96
N ALA B 136 -11.84 8.20 -10.58
CA ALA B 136 -11.92 9.31 -11.58
C ALA B 136 -11.20 10.56 -11.10
N ASP B 137 -11.34 10.93 -9.83
CA ASP B 137 -10.90 12.26 -9.33
C ASP B 137 -9.39 12.26 -9.03
N GLU B 138 -8.69 11.17 -9.33
CA GLU B 138 -7.36 10.96 -8.73
C GLU B 138 -6.27 11.23 -9.75
N HIS B 139 -5.05 11.37 -9.26
CA HIS B 139 -3.87 11.49 -10.15
C HIS B 139 -2.75 10.58 -9.66
N ILE B 140 -1.72 10.52 -10.47
CA ILE B 140 -0.50 9.70 -10.26
C ILE B 140 0.63 10.65 -9.85
N GLU B 141 1.34 10.32 -8.77
CA GLU B 141 2.61 10.96 -8.37
C GLU B 141 3.73 10.18 -9.10
N VAL B 142 4.28 10.76 -10.18
CA VAL B 142 5.07 9.96 -11.15
C VAL B 142 6.36 9.46 -10.53
N PRO B 143 7.31 10.30 -10.09
CA PRO B 143 8.57 9.77 -9.55
C PRO B 143 8.36 8.89 -8.32
N GLU B 144 7.32 9.16 -7.52
CA GLU B 144 6.97 8.30 -6.35
C GLU B 144 6.67 6.91 -6.85
N ASP B 145 5.78 6.77 -7.82
CA ASP B 145 5.38 5.43 -8.31
C ASP B 145 6.55 4.78 -9.09
N MET B 146 7.30 5.56 -9.86
CA MET B 146 8.42 4.97 -10.62
C MET B 146 9.47 4.45 -9.62
N THR B 147 9.68 5.13 -8.48
CA THR B 147 10.67 4.71 -7.48
C THR B 147 10.16 3.46 -6.76
N ARG B 148 8.87 3.41 -6.39
CA ARG B 148 8.28 2.17 -5.86
C ARG B 148 8.62 1.02 -6.80
N LEU B 149 8.38 1.18 -8.11
CA LEU B 149 8.59 0.13 -9.10
C LEU B 149 10.07 -0.28 -9.15
N THR B 150 10.98 0.65 -9.40
CA THR B 150 12.38 0.26 -9.76
C THR B 150 13.11 -0.30 -8.51
N LEU B 151 12.82 0.21 -7.33
CA LEU B 151 13.34 -0.34 -6.07
C LEU B 151 12.84 -1.79 -5.97
N ASP B 152 11.53 -2.03 -6.16
CA ASP B 152 10.96 -3.39 -5.96
C ASP B 152 11.57 -4.34 -6.97
N THR B 153 11.79 -3.89 -8.20
CA THR B 153 12.33 -4.74 -9.26
C THR B 153 13.72 -5.25 -8.88
N ILE B 154 14.59 -4.35 -8.40
CA ILE B 154 15.96 -4.77 -8.08
C ILE B 154 15.94 -5.59 -6.78
N GLY B 155 15.01 -5.32 -5.87
CA GLY B 155 14.88 -6.15 -4.67
C GLY B 155 14.60 -7.58 -5.05
N LEU B 156 13.68 -7.78 -5.99
CA LEU B 156 13.22 -9.13 -6.39
C LEU B 156 14.26 -9.82 -7.28
N CYS B 157 14.79 -9.16 -8.31
CA CYS B 157 15.89 -9.71 -9.16
C CYS B 157 17.24 -9.78 -8.43
N GLY B 158 17.46 -8.90 -7.49
CA GLY B 158 18.72 -8.86 -6.74
C GLY B 158 18.82 -10.05 -5.82
N PHE B 159 17.81 -10.22 -4.95
CA PHE B 159 17.93 -11.17 -3.83
C PHE B 159 16.57 -11.72 -3.40
N ASN B 160 15.61 -11.77 -4.33
N ASN B 160 15.60 -11.78 -4.31
CA ASN B 160 14.29 -12.39 -4.09
CA ASN B 160 14.28 -12.44 -4.07
C ASN B 160 13.71 -11.84 -2.77
C ASN B 160 13.58 -11.82 -2.86
N TYR B 161 13.77 -10.52 -2.60
CA TYR B 161 13.18 -9.79 -1.46
C TYR B 161 12.12 -8.82 -2.02
N ARG B 162 10.92 -8.86 -1.44
CA ARG B 162 9.81 -7.90 -1.76
C ARG B 162 9.81 -6.74 -0.79
N PHE B 163 10.23 -5.56 -1.24
CA PHE B 163 10.03 -4.31 -0.48
C PHE B 163 8.52 -3.97 -0.40
N ASN B 164 7.70 -4.50 -1.31
CA ASN B 164 6.22 -4.30 -1.29
C ASN B 164 5.92 -2.79 -1.23
N SER B 165 6.62 -2.01 -2.07
CA SER B 165 6.51 -0.55 -2.07
C SER B 165 5.07 -0.12 -2.48
N PHE B 166 4.33 -0.90 -3.28
CA PHE B 166 2.96 -0.50 -3.67
C PHE B 166 1.95 -0.83 -2.57
N TYR B 167 2.36 -1.40 -1.45
CA TYR B 167 1.52 -1.71 -0.27
C TYR B 167 1.70 -0.62 0.78
N ARG B 168 2.49 0.42 0.49
CA ARG B 168 3.01 1.36 1.53
C ARG B 168 2.84 2.81 1.12
N ASP B 169 2.59 3.66 2.10
CA ASP B 169 2.83 5.13 2.00
C ASP B 169 4.28 5.45 2.42
N GLN B 170 4.74 4.92 3.55
CA GLN B 170 6.09 5.17 4.12
C GLN B 170 7.03 4.06 3.65
N PRO B 171 8.24 4.38 3.11
CA PRO B 171 9.12 3.34 2.62
C PRO B 171 9.42 2.28 3.69
N HIS B 172 9.71 1.06 3.24
CA HIS B 172 10.42 0.04 4.05
C HIS B 172 11.50 0.73 4.88
N PRO B 173 11.76 0.33 6.15
CA PRO B 173 12.77 1.00 6.98
C PRO B 173 14.21 0.97 6.43
N PHE B 174 14.51 -0.06 5.64
CA PHE B 174 15.82 -0.19 4.96
C PHE B 174 15.97 1.06 4.08
N ILE B 175 14.90 1.39 3.35
CA ILE B 175 14.89 2.50 2.35
C ILE B 175 14.98 3.85 3.06
N THR B 176 14.26 4.04 4.18
N THR B 176 14.27 4.07 4.19
CA THR B 176 14.34 5.30 4.95
CA THR B 176 14.38 5.37 4.93
C THR B 176 15.82 5.51 5.33
C THR B 176 15.85 5.53 5.36
N SER B 177 16.50 4.46 5.82
CA SER B 177 17.93 4.51 6.19
C SER B 177 18.82 4.80 4.95
N MET B 178 18.56 4.12 3.84
CA MET B 178 19.41 4.27 2.63
C MET B 178 19.30 5.71 2.09
N VAL B 179 18.07 6.24 1.99
CA VAL B 179 17.82 7.62 1.50
C VAL B 179 18.50 8.60 2.44
N ARG B 180 18.39 8.40 3.76
CA ARG B 180 18.97 9.36 4.72
C ARG B 180 20.51 9.29 4.65
N ALA B 181 21.11 8.13 4.43
CA ALA B 181 22.57 7.98 4.26
C ALA B 181 23.02 8.70 2.98
N LEU B 182 22.28 8.51 1.90
CA LEU B 182 22.54 9.18 0.59
C LEU B 182 22.45 10.69 0.78
N ASP B 183 21.47 11.14 1.55
CA ASP B 183 21.30 12.59 1.82
C ASP B 183 22.49 13.12 2.61
N GLU B 184 22.95 12.40 3.62
CA GLU B 184 24.08 12.85 4.45
C GLU B 184 25.36 12.90 3.59
N ALA B 185 25.58 11.92 2.73
CA ALA B 185 26.79 11.87 1.86
C ALA B 185 26.81 13.13 0.99
N MET B 186 25.67 13.49 0.39
CA MET B 186 25.62 14.68 -0.48
C MET B 186 25.71 15.97 0.36
N ASN B 187 25.04 16.06 1.52
CA ASN B 187 25.03 17.30 2.34
C ASN B 187 26.44 17.59 2.87
N LYS B 188 27.24 16.55 3.12
CA LYS B 188 28.62 16.65 3.62
C LYS B 188 29.51 17.39 2.63
N LEU B 189 29.16 17.42 1.34
CA LEU B 189 29.98 18.15 0.35
C LEU B 189 29.95 19.64 0.71
N GLN B 190 28.93 20.10 1.43
CA GLN B 190 28.65 21.55 1.60
C GLN B 190 29.17 22.06 2.94
N ARG B 191 29.73 21.20 3.79
CA ARG B 191 30.20 21.57 5.15
C ARG B 191 31.65 22.07 5.09
N ALA B 192 31.84 23.39 5.23
CA ALA B 192 33.16 24.05 5.19
C ALA B 192 34.03 23.60 6.37
N ASN B 193 33.46 23.34 7.56
CA ASN B 193 34.17 22.64 8.68
C ASN B 193 33.31 21.48 9.15
N PRO B 194 33.55 20.27 8.60
CA PRO B 194 32.70 19.12 8.88
C PRO B 194 32.80 18.61 10.33
N ASP B 195 33.78 19.10 11.10
CA ASP B 195 34.07 18.56 12.45
C ASP B 195 33.44 19.48 13.52
N ASP B 196 32.81 20.58 13.12
CA ASP B 196 31.94 21.39 14.02
C ASP B 196 31.06 20.42 14.79
N PRO B 197 30.82 20.61 16.11
CA PRO B 197 29.87 19.77 16.85
C PRO B 197 28.38 19.91 16.48
N ALA B 198 27.99 20.91 15.68
CA ALA B 198 26.61 21.08 15.15
C ALA B 198 26.21 19.83 14.31
N TYR B 199 27.21 19.13 13.77
CA TYR B 199 27.06 17.96 12.85
C TYR B 199 27.14 16.64 13.63
N ASP B 200 27.32 16.66 14.97
CA ASP B 200 27.40 15.45 15.83
C ASP B 200 26.17 14.56 15.68
N GLU B 201 24.98 15.15 15.53
CA GLU B 201 23.73 14.36 15.42
C GLU B 201 23.69 13.67 14.04
N ASN B 202 24.03 14.41 12.99
CA ASN B 202 24.13 13.87 11.60
C ASN B 202 25.04 12.63 11.61
N LYS B 203 26.17 12.68 12.31
CA LYS B 203 27.18 11.58 12.37
C LYS B 203 26.56 10.37 13.08
N ARG B 204 25.90 10.54 14.22
CA ARG B 204 25.25 9.42 14.96
C ARG B 204 24.19 8.75 14.07
N GLN B 205 23.35 9.55 13.43
CA GLN B 205 22.21 9.07 12.58
C GLN B 205 22.81 8.31 11.39
N PHE B 206 23.91 8.78 10.84
CA PHE B 206 24.57 8.14 9.68
C PHE B 206 25.05 6.75 10.10
N GLN B 207 25.70 6.64 11.26
CA GLN B 207 26.16 5.32 11.77
C GLN B 207 24.97 4.39 11.96
N GLU B 208 23.85 4.88 12.53
CA GLU B 208 22.62 4.06 12.78
C GLU B 208 22.05 3.57 11.42
N ASP B 209 22.07 4.45 10.42
CA ASP B 209 21.51 4.14 9.07
C ASP B 209 22.41 3.09 8.37
N ILE B 210 23.71 3.21 8.51
CA ILE B 210 24.66 2.18 7.98
C ILE B 210 24.35 0.83 8.63
N LYS B 211 24.20 0.82 9.96
CA LYS B 211 23.86 -0.43 10.72
C LYS B 211 22.54 -1.02 10.22
N VAL B 212 21.51 -0.20 10.02
CA VAL B 212 20.21 -0.71 9.51
C VAL B 212 20.49 -1.41 8.15
N MET B 213 21.26 -0.77 7.26
CA MET B 213 21.40 -1.35 5.91
C MET B 213 22.21 -2.65 6.01
N ASN B 214 23.32 -2.64 6.76
CA ASN B 214 24.20 -3.83 6.93
C ASN B 214 23.41 -4.99 7.54
N ASP B 215 22.60 -4.70 8.57
CA ASP B 215 21.88 -5.75 9.32
C ASP B 215 20.93 -6.46 8.38
N LEU B 216 20.13 -5.73 7.61
CA LEU B 216 19.15 -6.42 6.72
C LEU B 216 19.96 -7.20 5.69
N VAL B 217 20.94 -6.58 5.04
CA VAL B 217 21.56 -7.26 3.87
C VAL B 217 22.37 -8.48 4.35
N ASP B 218 23.13 -8.34 5.43
CA ASP B 218 23.92 -9.45 6.02
C ASP B 218 22.99 -10.59 6.44
N LYS B 219 21.81 -10.29 6.97
CA LYS B 219 20.79 -11.32 7.38
C LYS B 219 20.24 -12.02 6.13
N ILE B 220 19.97 -11.30 5.04
CA ILE B 220 19.46 -11.93 3.79
C ILE B 220 20.54 -12.89 3.27
N ILE B 221 21.79 -12.47 3.21
CA ILE B 221 22.90 -13.33 2.70
C ILE B 221 22.96 -14.60 3.60
N ALA B 222 23.04 -14.40 4.91
CA ALA B 222 23.16 -15.48 5.92
C ALA B 222 21.96 -16.43 5.79
N ASP B 223 20.76 -15.88 5.66
CA ASP B 223 19.50 -16.64 5.45
C ASP B 223 19.57 -17.44 4.17
N ARG B 224 20.12 -16.88 3.08
CA ARG B 224 20.22 -17.66 1.81
C ARG B 224 21.24 -18.81 1.93
N LYS B 225 22.39 -18.58 2.54
CA LYS B 225 23.44 -19.63 2.69
C LYS B 225 22.87 -20.78 3.56
N ALA B 226 22.13 -20.46 4.62
CA ALA B 226 21.53 -21.46 5.54
C ALA B 226 20.51 -22.32 4.79
N SER B 227 19.62 -21.68 4.00
CA SER B 227 18.50 -22.36 3.31
C SER B 227 19.05 -23.28 2.22
N GLY B 228 20.18 -22.92 1.64
CA GLY B 228 20.76 -23.59 0.46
C GLY B 228 19.96 -23.37 -0.83
N GLU B 229 18.93 -22.52 -0.78
CA GLU B 229 18.00 -22.32 -1.93
C GLU B 229 18.79 -21.74 -3.11
N GLN B 230 18.49 -22.21 -4.33
CA GLN B 230 19.08 -21.72 -5.60
C GLN B 230 17.98 -20.96 -6.34
N SER B 231 17.99 -19.61 -6.28
CA SER B 231 17.04 -18.75 -7.04
C SER B 231 17.79 -18.23 -8.27
N ASP B 232 17.13 -17.57 -9.20
CA ASP B 232 17.85 -17.00 -10.37
C ASP B 232 17.90 -15.48 -10.13
N ASP B 233 18.54 -15.15 -9.00
CA ASP B 233 18.80 -13.74 -8.62
C ASP B 233 20.31 -13.52 -8.57
N LEU B 234 20.70 -12.28 -8.37
CA LEU B 234 22.12 -11.89 -8.36
C LEU B 234 22.81 -12.49 -7.13
N LEU B 235 22.09 -12.61 -6.02
CA LEU B 235 22.65 -13.18 -4.78
C LEU B 235 23.10 -14.63 -5.03
N THR B 236 22.29 -15.44 -5.69
CA THR B 236 22.71 -16.83 -6.00
C THR B 236 23.99 -16.81 -6.84
N HIS B 237 24.05 -15.98 -7.86
CA HIS B 237 25.23 -15.89 -8.78
C HIS B 237 26.45 -15.46 -7.98
N MET B 238 26.32 -14.53 -7.04
CA MET B 238 27.46 -14.07 -6.22
C MET B 238 27.92 -15.15 -5.23
N LEU B 239 27.00 -15.92 -4.64
CA LEU B 239 27.39 -16.98 -3.69
C LEU B 239 28.07 -18.14 -4.43
N ASN B 240 27.74 -18.39 -5.68
CA ASN B 240 28.23 -19.55 -6.49
C ASN B 240 29.35 -19.16 -7.45
N GLY B 241 29.53 -17.89 -7.76
CA GLY B 241 30.44 -17.50 -8.86
C GLY B 241 31.88 -17.48 -8.42
N LYS B 242 32.75 -17.78 -9.35
CA LYS B 242 34.20 -17.74 -9.16
C LYS B 242 34.76 -16.83 -10.24
N ASP B 243 35.67 -15.94 -9.86
CA ASP B 243 36.37 -15.09 -10.86
C ASP B 243 37.31 -15.99 -11.63
N PRO B 244 37.19 -16.06 -12.98
CA PRO B 244 38.10 -16.90 -13.78
C PRO B 244 39.57 -16.52 -13.60
N GLU B 245 39.89 -15.27 -13.28
CA GLU B 245 41.29 -14.80 -13.20
C GLU B 245 41.92 -15.31 -11.89
N THR B 246 41.42 -14.81 -10.75
CA THR B 246 41.91 -15.19 -9.38
C THR B 246 41.49 -16.61 -9.00
N GLY B 247 40.39 -17.14 -9.59
CA GLY B 247 39.72 -18.38 -9.17
C GLY B 247 38.96 -18.23 -7.85
N GLU B 248 38.84 -17.00 -7.32
CA GLU B 248 38.25 -16.79 -5.97
C GLU B 248 36.79 -16.36 -6.15
N PRO B 249 35.90 -16.70 -5.18
CA PRO B 249 34.55 -16.13 -5.13
C PRO B 249 34.64 -14.81 -4.35
N LEU B 250 33.57 -14.01 -4.40
CA LEU B 250 33.40 -12.84 -3.52
C LEU B 250 33.17 -13.32 -2.08
N ASP B 251 33.69 -12.59 -1.12
CA ASP B 251 33.35 -12.86 0.29
C ASP B 251 32.03 -12.19 0.67
N ASP B 252 31.48 -12.57 1.81
CA ASP B 252 30.13 -12.13 2.26
C ASP B 252 30.08 -10.61 2.39
N GLU B 253 31.14 -9.97 2.87
N GLU B 253 31.14 -9.97 2.87
CA GLU B 253 31.17 -8.50 3.06
CA GLU B 253 31.16 -8.50 3.06
C GLU B 253 31.05 -7.81 1.69
C GLU B 253 31.05 -7.82 1.68
N ASN B 254 31.81 -8.29 0.70
CA ASN B 254 31.79 -7.67 -0.64
C ASN B 254 30.40 -7.89 -1.27
N ILE B 255 29.80 -9.04 -1.05
CA ILE B 255 28.44 -9.33 -1.57
C ILE B 255 27.46 -8.31 -1.00
N ARG B 256 27.58 -8.05 0.29
CA ARG B 256 26.72 -7.06 0.95
C ARG B 256 26.91 -5.70 0.26
N TYR B 257 28.16 -5.27 0.00
CA TYR B 257 28.43 -3.98 -0.69
C TYR B 257 27.81 -3.97 -2.10
N GLN B 258 27.84 -5.08 -2.82
CA GLN B 258 27.26 -5.13 -4.18
C GLN B 258 25.74 -4.98 -4.05
N ILE B 259 25.12 -5.69 -3.12
CA ILE B 259 23.64 -5.60 -2.94
C ILE B 259 23.28 -4.16 -2.58
N ILE B 260 24.00 -3.54 -1.64
CA ILE B 260 23.66 -2.15 -1.25
C ILE B 260 23.78 -1.28 -2.51
N THR B 261 24.81 -1.51 -3.30
CA THR B 261 25.05 -0.72 -4.54
C THR B 261 23.86 -0.88 -5.50
N PHE B 262 23.41 -2.11 -5.74
CA PHE B 262 22.31 -2.34 -6.69
C PHE B 262 21.02 -1.74 -6.15
N LEU B 263 20.79 -1.79 -4.86
CA LEU B 263 19.57 -1.15 -4.30
C LEU B 263 19.63 0.37 -4.52
N ILE B 264 20.78 1.00 -4.25
CA ILE B 264 20.96 2.45 -4.55
C ILE B 264 20.66 2.68 -6.03
N ALA B 265 21.20 1.90 -6.94
CA ALA B 265 20.95 2.10 -8.39
C ALA B 265 19.46 1.98 -8.70
N GLY B 266 18.79 0.96 -8.18
CA GLY B 266 17.36 0.75 -8.51
C GLY B 266 16.49 1.90 -8.00
N HIS B 267 16.76 2.36 -6.77
CA HIS B 267 16.03 3.49 -6.16
C HIS B 267 16.29 4.79 -6.94
N GLU B 268 17.55 5.04 -7.32
CA GLU B 268 17.97 6.40 -7.76
C GLU B 268 17.87 6.62 -9.27
N THR B 269 18.11 5.61 -10.12
CA THR B 269 18.43 5.87 -11.55
C THR B 269 17.24 5.53 -12.45
N THR B 270 16.89 4.28 -12.60
CA THR B 270 15.88 3.88 -13.60
C THR B 270 14.59 4.67 -13.33
N SER B 271 14.23 4.87 -12.07
CA SER B 271 13.03 5.64 -11.67
C SER B 271 13.08 7.07 -12.23
N GLY B 272 14.25 7.72 -12.22
CA GLY B 272 14.43 9.06 -12.81
C GLY B 272 14.24 9.01 -14.32
N LEU B 273 14.87 8.05 -14.96
CA LEU B 273 14.70 7.84 -16.42
C LEU B 273 13.20 7.70 -16.77
N LEU B 274 12.46 6.81 -16.13
CA LEU B 274 11.01 6.63 -16.45
C LEU B 274 10.24 7.94 -16.21
N SER B 275 10.58 8.65 -15.14
CA SER B 275 9.85 9.87 -14.77
C SER B 275 10.12 10.93 -15.85
N PHE B 276 11.37 11.12 -16.28
CA PHE B 276 11.71 12.07 -17.37
C PHE B 276 11.13 11.62 -18.71
N ALA B 277 11.08 10.33 -18.96
CA ALA B 277 10.51 9.84 -20.25
C ALA B 277 9.02 10.20 -20.28
N LEU B 278 8.29 9.96 -19.20
CA LEU B 278 6.85 10.26 -19.21
C LEU B 278 6.64 11.79 -19.31
N TYR B 279 7.45 12.56 -18.59
CA TYR B 279 7.43 14.04 -18.69
C TYR B 279 7.52 14.43 -20.16
N PHE B 280 8.55 13.98 -20.85
CA PHE B 280 8.75 14.44 -22.25
C PHE B 280 7.59 13.93 -23.13
N LEU B 281 7.05 12.75 -22.89
CA LEU B 281 5.95 12.23 -23.73
C LEU B 281 4.69 13.10 -23.54
N VAL B 282 4.32 13.47 -22.32
CA VAL B 282 3.11 14.30 -22.11
C VAL B 282 3.37 15.71 -22.64
N LYS B 283 4.62 16.18 -22.72
CA LYS B 283 4.93 17.51 -23.29
C LYS B 283 5.07 17.47 -24.81
N ASN B 284 5.05 16.28 -25.43
CA ASN B 284 5.27 16.10 -26.89
C ASN B 284 4.28 15.08 -27.43
N PRO B 285 2.99 15.49 -27.53
CA PRO B 285 1.92 14.54 -27.82
C PRO B 285 2.09 13.77 -29.13
N HIS B 286 2.72 14.34 -30.16
CA HIS B 286 2.97 13.57 -31.42
C HIS B 286 3.93 12.41 -31.10
N VAL B 287 4.91 12.66 -30.24
CA VAL B 287 5.88 11.59 -29.85
C VAL B 287 5.16 10.53 -29.03
N LEU B 288 4.34 10.96 -28.07
N LEU B 288 4.32 10.94 -28.08
CA LEU B 288 3.52 10.06 -27.23
CA LEU B 288 3.54 9.99 -27.26
C LEU B 288 2.68 9.18 -28.15
C LEU B 288 2.69 9.12 -28.20
N GLN B 289 2.06 9.76 -29.18
N GLN B 289 2.02 9.72 -29.18
CA GLN B 289 1.19 9.01 -30.11
CA GLN B 289 1.15 8.91 -30.08
C GLN B 289 2.02 7.90 -30.80
C GLN B 289 2.02 7.87 -30.82
N LYS B 290 3.18 8.25 -31.33
CA LYS B 290 4.04 7.32 -32.11
C LYS B 290 4.51 6.16 -31.22
N ALA B 291 4.87 6.47 -29.96
CA ALA B 291 5.25 5.45 -28.97
C ALA B 291 4.06 4.54 -28.60
N ALA B 292 2.87 5.12 -28.39
CA ALA B 292 1.65 4.38 -28.01
C ALA B 292 1.27 3.47 -29.17
N GLU B 293 1.47 3.91 -30.40
CA GLU B 293 1.15 3.06 -31.59
C GLU B 293 2.11 1.85 -31.61
N GLU B 294 3.40 2.05 -31.36
CA GLU B 294 4.35 0.90 -31.26
C GLU B 294 3.92 -0.04 -30.16
N ALA B 295 3.60 0.48 -28.98
CA ALA B 295 3.22 -0.37 -27.83
C ALA B 295 2.03 -1.26 -28.22
N ALA B 296 1.00 -0.66 -28.83
CA ALA B 296 -0.23 -1.38 -29.24
C ALA B 296 0.11 -2.46 -30.28
N ARG B 297 0.95 -2.13 -31.26
CA ARG B 297 1.31 -3.02 -32.39
CA ARG B 297 1.31 -3.02 -32.39
C ARG B 297 2.12 -4.22 -31.86
N VAL B 298 3.04 -4.00 -30.91
CA VAL B 298 4.00 -5.05 -30.45
C VAL B 298 3.46 -5.89 -29.28
N LEU B 299 2.87 -5.25 -28.28
CA LEU B 299 2.45 -5.90 -27.03
C LEU B 299 1.05 -6.49 -27.20
N VAL B 300 0.99 -7.57 -27.96
CA VAL B 300 -0.26 -8.21 -28.42
C VAL B 300 -0.73 -9.21 -27.38
N ASP B 301 0.07 -9.52 -26.36
CA ASP B 301 -0.35 -10.51 -25.32
C ASP B 301 -0.62 -9.81 -23.99
N PRO B 302 -1.38 -10.47 -23.08
CA PRO B 302 -1.68 -9.88 -21.78
C PRO B 302 -0.45 -9.48 -20.95
N VAL B 303 0.57 -10.34 -20.97
CA VAL B 303 1.94 -10.22 -20.35
C VAL B 303 2.94 -9.94 -21.48
N PRO B 304 3.79 -8.88 -21.47
CA PRO B 304 4.87 -8.80 -22.43
C PRO B 304 5.87 -9.95 -22.28
N SER B 305 6.40 -10.43 -23.39
CA SER B 305 7.52 -11.40 -23.43
C SER B 305 8.83 -10.63 -23.54
N TYR B 306 9.95 -11.30 -23.24
CA TYR B 306 11.31 -10.76 -23.45
C TYR B 306 11.45 -10.30 -24.91
N LYS B 307 11.03 -11.13 -25.89
CA LYS B 307 11.27 -10.84 -27.32
C LYS B 307 10.45 -9.61 -27.73
N GLN B 308 9.25 -9.43 -27.17
CA GLN B 308 8.41 -8.26 -27.51
C GLN B 308 9.09 -6.99 -26.97
N VAL B 309 9.62 -7.03 -25.76
CA VAL B 309 10.34 -5.85 -25.22
C VAL B 309 11.48 -5.45 -26.18
N LYS B 310 12.20 -6.42 -26.74
CA LYS B 310 13.32 -6.14 -27.70
C LYS B 310 12.78 -5.46 -28.97
N GLN B 311 11.51 -5.63 -29.30
CA GLN B 311 10.92 -5.05 -30.54
C GLN B 311 10.37 -3.64 -30.29
N LEU B 312 10.38 -3.16 -29.05
CA LEU B 312 9.89 -1.79 -28.76
C LEU B 312 11.01 -0.80 -29.10
N LYS B 313 11.34 -0.67 -30.38
CA LYS B 313 12.48 0.14 -30.83
CA LYS B 313 12.49 0.14 -30.84
C LYS B 313 12.26 1.63 -30.54
N TYR B 314 11.06 2.14 -30.85
CA TYR B 314 10.78 3.59 -30.73
C TYR B 314 10.76 3.93 -29.24
N VAL B 315 10.22 3.03 -28.42
CA VAL B 315 10.27 3.21 -26.95
C VAL B 315 11.72 3.33 -26.52
N GLY B 316 12.61 2.47 -27.02
CA GLY B 316 14.06 2.55 -26.75
C GLY B 316 14.62 3.93 -27.10
N MET B 317 14.20 4.49 -28.24
CA MET B 317 14.69 5.79 -28.70
C MET B 317 14.17 6.88 -27.79
N VAL B 318 12.92 6.78 -27.33
CA VAL B 318 12.33 7.75 -26.39
C VAL B 318 13.19 7.74 -25.14
N LEU B 319 13.55 6.55 -24.64
CA LEU B 319 14.35 6.47 -23.39
C LEU B 319 15.72 7.13 -23.64
N ASN B 320 16.31 6.89 -24.79
CA ASN B 320 17.65 7.49 -25.06
C ASN B 320 17.54 9.00 -25.15
N GLU B 321 16.47 9.53 -25.74
CA GLU B 321 16.31 10.99 -25.90
C GLU B 321 16.01 11.61 -24.52
N ALA B 322 15.30 10.91 -23.62
CA ALA B 322 15.14 11.35 -22.23
C ALA B 322 16.50 11.35 -21.52
N LEU B 323 17.30 10.29 -21.66
CA LEU B 323 18.69 10.30 -21.11
C LEU B 323 19.53 11.43 -21.71
N ARG B 324 19.29 11.78 -22.96
CA ARG B 324 20.06 12.89 -23.57
C ARG B 324 19.74 14.19 -22.83
N LEU B 325 18.48 14.58 -22.79
CA LEU B 325 18.15 15.90 -22.21
C LEU B 325 18.30 15.89 -20.71
N TRP B 326 17.94 14.81 -20.02
CA TRP B 326 18.06 14.83 -18.53
C TRP B 326 18.67 13.52 -18.08
N PRO B 327 20.00 13.37 -18.22
CA PRO B 327 20.67 12.14 -17.79
C PRO B 327 20.55 11.98 -16.28
N THR B 328 19.75 11.02 -15.82
CA THR B 328 19.36 10.99 -14.38
C THR B 328 20.61 10.83 -13.51
N ALA B 329 21.62 10.09 -13.97
CA ALA B 329 22.96 10.10 -13.36
C ALA B 329 23.77 11.14 -14.12
N PRO B 330 23.97 12.34 -13.54
CA PRO B 330 24.40 13.46 -14.35
C PRO B 330 25.89 13.76 -14.41
N ALA B 331 26.73 12.97 -13.74
CA ALA B 331 28.17 13.23 -13.80
C ALA B 331 28.96 11.96 -13.51
N PHE B 332 30.21 11.96 -13.97
CA PHE B 332 31.23 11.00 -13.52
C PHE B 332 32.59 11.73 -13.47
N SER B 333 33.48 11.19 -12.66
CA SER B 333 34.77 11.79 -12.33
C SER B 333 35.90 10.93 -12.91
N LEU B 334 36.96 11.60 -13.35
CA LEU B 334 38.17 10.98 -13.93
C LEU B 334 39.41 11.60 -13.30
N TYR B 335 40.50 10.85 -13.26
CA TYR B 335 41.81 11.43 -12.88
C TYR B 335 42.77 11.16 -14.02
N ALA B 336 43.70 12.09 -14.19
CA ALA B 336 44.79 11.95 -15.18
C ALA B 336 45.80 10.90 -14.70
N LYS B 337 46.03 9.86 -15.48
CA LYS B 337 46.96 8.77 -15.08
C LYS B 337 48.42 9.26 -15.11
N GLU B 338 48.71 10.22 -15.98
CA GLU B 338 50.05 10.83 -16.12
C GLU B 338 49.86 12.31 -16.46
N ASP B 339 50.88 13.12 -16.20
CA ASP B 339 50.97 14.49 -16.77
C ASP B 339 50.50 14.38 -18.23
N THR B 340 49.63 15.28 -18.68
CA THR B 340 49.13 15.28 -20.08
C THR B 340 48.50 16.65 -20.39
N VAL B 341 48.22 16.91 -21.66
CA VAL B 341 47.66 18.20 -22.11
C VAL B 341 46.28 17.91 -22.69
N LEU B 342 45.26 18.56 -22.15
CA LEU B 342 43.88 18.31 -22.62
C LEU B 342 43.57 19.33 -23.72
N GLY B 343 43.10 18.86 -24.88
CA GLY B 343 42.58 19.65 -26.02
C GLY B 343 43.60 20.62 -26.59
N GLY B 344 44.89 20.29 -26.48
CA GLY B 344 45.98 21.11 -27.00
C GLY B 344 46.16 22.38 -26.20
N GLU B 345 45.43 22.58 -25.10
CA GLU B 345 45.31 23.91 -24.46
C GLU B 345 45.52 23.86 -22.95
N TYR B 346 45.15 22.76 -22.28
CA TYR B 346 45.02 22.75 -20.79
C TYR B 346 45.92 21.69 -20.19
N PRO B 347 47.13 22.07 -19.71
CA PRO B 347 48.04 21.13 -19.07
C PRO B 347 47.46 20.56 -17.78
N LEU B 348 47.47 19.24 -17.66
CA LEU B 348 47.13 18.51 -16.42
C LEU B 348 48.36 17.79 -15.86
N GLU B 349 48.45 17.75 -14.53
CA GLU B 349 49.37 16.91 -13.74
C GLU B 349 48.72 15.54 -13.44
N LYS B 350 49.55 14.49 -13.39
CA LYS B 350 49.18 13.16 -12.88
C LYS B 350 48.30 13.35 -11.66
N GLY B 351 47.12 12.74 -11.62
CA GLY B 351 46.28 12.81 -10.40
C GLY B 351 45.21 13.90 -10.44
N ASP B 352 45.29 14.84 -11.38
CA ASP B 352 44.35 15.98 -11.53
C ASP B 352 42.95 15.40 -11.81
N GLU B 353 41.95 15.95 -11.12
CA GLU B 353 40.56 15.43 -11.15
C GLU B 353 39.73 16.21 -12.16
N LEU B 354 38.91 15.47 -12.93
CA LEU B 354 37.97 16.05 -13.90
C LEU B 354 36.56 15.58 -13.52
N MET B 355 35.56 16.43 -13.70
N MET B 355 35.56 16.41 -13.76
CA MET B 355 34.14 16.05 -13.66
CA MET B 355 34.14 16.02 -13.66
C MET B 355 33.61 16.21 -15.09
C MET B 355 33.47 16.25 -15.01
N VAL B 356 32.90 15.19 -15.58
CA VAL B 356 32.11 15.27 -16.82
C VAL B 356 30.68 15.66 -16.45
N LEU B 357 30.22 16.79 -16.97
CA LEU B 357 28.84 17.28 -16.77
C LEU B 357 27.98 16.74 -17.91
N ILE B 358 27.40 15.56 -17.70
CA ILE B 358 26.74 14.85 -18.82
C ILE B 358 25.59 15.71 -19.40
N PRO B 359 24.80 16.47 -18.62
CA PRO B 359 23.70 17.23 -19.24
C PRO B 359 24.22 18.26 -20.24
N GLN B 360 25.40 18.79 -19.97
CA GLN B 360 26.01 19.80 -20.86
C GLN B 360 26.55 19.12 -22.12
N LEU B 361 27.26 18.01 -21.95
CA LEU B 361 27.74 17.21 -23.10
C LEU B 361 26.56 16.96 -24.07
N HIS B 362 25.43 16.55 -23.55
CA HIS B 362 24.21 16.20 -24.33
C HIS B 362 23.52 17.42 -24.91
N ARG B 363 23.98 18.63 -24.59
CA ARG B 363 23.48 19.90 -25.19
C ARG B 363 24.48 20.52 -26.18
N ASP B 364 25.56 19.83 -26.50
CA ASP B 364 26.62 20.36 -27.38
C ASP B 364 26.03 20.56 -28.79
N LYS B 365 25.73 21.81 -29.14
CA LYS B 365 25.12 22.15 -30.45
C LYS B 365 26.02 21.77 -31.61
N THR B 366 27.34 21.63 -31.44
CA THR B 366 28.26 21.22 -32.55
C THR B 366 28.00 19.76 -32.91
N ILE B 367 27.47 19.00 -31.95
CA ILE B 367 27.11 17.56 -32.13
C ILE B 367 25.65 17.43 -32.54
N TRP B 368 24.73 18.02 -31.78
CA TRP B 368 23.29 17.69 -31.92
C TRP B 368 22.56 18.60 -32.91
N GLY B 369 23.13 19.76 -33.28
CA GLY B 369 22.49 20.73 -34.19
C GLY B 369 21.69 21.76 -33.43
N ASP B 370 21.04 22.66 -34.17
CA ASP B 370 20.23 23.77 -33.60
C ASP B 370 19.03 23.24 -32.83
N ASP B 371 18.47 22.06 -33.19
CA ASP B 371 17.26 21.51 -32.53
C ASP B 371 17.60 20.83 -31.19
N VAL B 372 18.67 21.23 -30.50
CA VAL B 372 19.25 20.46 -29.36
C VAL B 372 18.27 20.42 -28.19
N GLU B 373 17.46 21.46 -27.96
CA GLU B 373 16.54 21.53 -26.79
C GLU B 373 15.26 20.73 -27.11
N GLU B 374 15.03 20.30 -28.35
CA GLU B 374 13.78 19.59 -28.77
C GLU B 374 13.88 18.11 -28.38
N PHE B 375 12.73 17.53 -28.05
CA PHE B 375 12.61 16.10 -27.75
C PHE B 375 12.32 15.38 -29.06
N ARG B 376 13.33 14.77 -29.64
CA ARG B 376 13.21 14.13 -30.97
C ARG B 376 13.89 12.76 -30.94
N PRO B 377 13.18 11.69 -30.54
CA PRO B 377 13.80 10.37 -30.42
C PRO B 377 14.40 9.85 -31.73
N GLU B 378 13.91 10.36 -32.86
CA GLU B 378 14.36 9.96 -34.22
C GLU B 378 15.88 10.23 -34.36
N ARG B 379 16.46 11.08 -33.51
CA ARG B 379 17.94 11.36 -33.44
C ARG B 379 18.69 10.06 -33.32
N PHE B 380 18.07 9.11 -32.62
CA PHE B 380 18.69 7.84 -32.22
C PHE B 380 18.38 6.72 -33.21
N GLU B 381 17.89 7.02 -34.41
CA GLU B 381 17.55 5.96 -35.39
C GLU B 381 18.84 5.18 -35.75
N ASN B 382 19.96 5.86 -35.92
CA ASN B 382 21.20 5.25 -36.46
C ASN B 382 22.36 5.60 -35.54
N PRO B 383 22.80 4.68 -34.65
CA PRO B 383 23.93 4.96 -33.77
C PRO B 383 25.23 5.37 -34.51
N SER B 384 25.41 4.93 -35.75
CA SER B 384 26.65 5.22 -36.53
C SER B 384 26.63 6.70 -36.96
N ALA B 385 25.48 7.36 -36.92
CA ALA B 385 25.34 8.79 -37.32
C ALA B 385 25.60 9.69 -36.11
N ILE B 386 25.83 9.14 -34.93
CA ILE B 386 26.13 9.91 -33.69
C ILE B 386 27.62 9.92 -33.42
N PRO B 387 28.24 11.12 -33.30
CA PRO B 387 29.68 11.20 -33.10
C PRO B 387 30.11 10.39 -31.88
N GLN B 388 31.36 9.91 -31.92
CA GLN B 388 31.99 9.19 -30.79
C GLN B 388 31.95 10.00 -29.51
N HIS B 389 31.52 9.38 -28.40
CA HIS B 389 31.60 9.95 -27.05
C HIS B 389 30.63 11.13 -26.92
N ALA B 390 29.66 11.26 -27.80
CA ALA B 390 28.67 12.34 -27.71
C ALA B 390 27.62 12.06 -26.63
N PHE B 391 27.40 10.79 -26.28
CA PHE B 391 26.22 10.33 -25.51
C PHE B 391 26.73 9.38 -24.43
N LYS B 392 26.76 9.84 -23.17
N LYS B 392 26.75 9.83 -23.17
CA LYS B 392 27.42 9.06 -22.09
CA LYS B 392 27.43 9.08 -22.09
C LYS B 392 26.54 8.91 -20.86
C LYS B 392 26.55 8.92 -20.86
N PRO B 393 25.23 8.60 -20.96
CA PRO B 393 24.40 8.50 -19.77
C PRO B 393 24.77 7.34 -18.82
N PHE B 394 25.52 6.34 -19.32
CA PHE B 394 25.95 5.13 -18.59
C PHE B 394 27.45 5.20 -18.32
N GLY B 395 28.08 6.38 -18.41
CA GLY B 395 29.51 6.45 -18.13
C GLY B 395 30.36 5.96 -19.29
N ASN B 396 31.58 5.53 -19.00
CA ASN B 396 32.60 5.34 -20.06
C ASN B 396 33.42 4.08 -19.83
N GLY B 397 33.64 3.31 -20.89
CA GLY B 397 34.71 2.31 -20.92
C GLY B 397 34.43 1.14 -19.98
N GLN B 398 35.48 0.57 -19.41
CA GLN B 398 35.37 -0.58 -18.45
C GLN B 398 34.61 -0.15 -17.20
N ARG B 399 34.61 1.14 -16.86
CA ARG B 399 33.90 1.65 -15.67
C ARG B 399 32.50 2.20 -16.01
N ALA B 400 31.94 1.81 -17.16
CA ALA B 400 30.55 2.12 -17.56
C ALA B 400 29.61 1.28 -16.70
N CYS B 401 28.36 1.66 -16.71
CA CYS B 401 27.29 1.06 -15.93
C CYS B 401 27.18 -0.41 -16.25
N ILE B 402 27.38 -1.26 -15.26
CA ILE B 402 27.14 -2.72 -15.45
C ILE B 402 25.64 -3.00 -15.58
N GLY B 403 24.79 -2.12 -15.05
CA GLY B 403 23.33 -2.34 -15.05
C GLY B 403 22.68 -1.81 -16.30
N GLN B 404 23.40 -1.43 -17.34
CA GLN B 404 22.79 -0.69 -18.48
C GLN B 404 21.68 -1.53 -19.14
N GLN B 405 21.94 -2.80 -19.41
N GLN B 405 21.96 -2.80 -19.38
CA GLN B 405 20.93 -3.63 -20.13
CA GLN B 405 21.00 -3.71 -20.07
C GLN B 405 19.77 -3.91 -19.18
C GLN B 405 19.78 -3.91 -19.17
N PHE B 406 20.04 -4.08 -17.88
CA PHE B 406 18.98 -4.31 -16.86
C PHE B 406 18.02 -3.09 -16.87
N ALA B 407 18.58 -1.89 -16.73
CA ALA B 407 17.82 -0.64 -16.62
C ALA B 407 17.00 -0.43 -17.87
N LEU B 408 17.57 -0.65 -19.05
CA LEU B 408 16.89 -0.33 -20.32
C LEU B 408 15.83 -1.39 -20.57
N HIS B 409 16.07 -2.62 -20.11
CA HIS B 409 15.05 -3.68 -20.29
C HIS B 409 13.86 -3.32 -19.41
N GLU B 410 14.10 -3.07 -18.13
CA GLU B 410 13.00 -2.70 -17.22
C GLU B 410 12.27 -1.47 -17.80
N ALA B 411 12.98 -0.40 -18.08
CA ALA B 411 12.37 0.87 -18.51
C ALA B 411 11.54 0.69 -19.78
N THR B 412 12.03 -0.10 -20.73
CA THR B 412 11.33 -0.31 -22.02
C THR B 412 10.07 -1.12 -21.76
N LEU B 413 10.19 -2.15 -20.93
CA LEU B 413 9.03 -2.99 -20.54
C LEU B 413 7.97 -2.10 -19.90
N VAL B 414 8.35 -1.33 -18.89
CA VAL B 414 7.37 -0.58 -18.07
C VAL B 414 6.73 0.50 -18.94
N LEU B 415 7.55 1.27 -19.67
CA LEU B 415 7.03 2.36 -20.52
C LEU B 415 6.12 1.77 -21.62
N GLY B 416 6.54 0.65 -22.21
CA GLY B 416 5.67 0.01 -23.19
C GLY B 416 4.31 -0.38 -22.59
N MET B 417 4.29 -1.01 -21.40
CA MET B 417 3.02 -1.38 -20.76
C MET B 417 2.22 -0.12 -20.39
N MET B 418 2.88 0.95 -19.91
CA MET B 418 2.18 2.20 -19.58
C MET B 418 1.44 2.77 -20.83
N LEU B 419 2.12 2.84 -21.97
CA LEU B 419 1.56 3.38 -23.22
C LEU B 419 0.51 2.44 -23.79
N LYS B 420 0.65 1.14 -23.57
CA LYS B 420 -0.37 0.17 -24.03
C LYS B 420 -1.68 0.39 -23.25
N HIS B 421 -1.59 0.63 -21.93
CA HIS B 421 -2.74 0.49 -21.00
C HIS B 421 -3.47 1.81 -20.74
N PHE B 422 -2.83 2.97 -20.93
CA PHE B 422 -3.39 4.25 -20.52
C PHE B 422 -3.16 5.34 -21.58
N ASP B 423 -4.09 6.28 -21.63
CA ASP B 423 -3.82 7.63 -22.20
C ASP B 423 -3.37 8.48 -21.02
N PHE B 424 -2.55 9.49 -21.26
CA PHE B 424 -2.04 10.35 -20.17
C PHE B 424 -2.43 11.80 -20.42
N GLU B 425 -2.71 12.52 -19.35
CA GLU B 425 -3.03 13.97 -19.38
C GLU B 425 -2.09 14.69 -18.43
N ASP B 426 -1.51 15.77 -18.91
CA ASP B 426 -0.73 16.77 -18.15
C ASP B 426 -1.72 17.77 -17.56
N HIS B 427 -2.53 17.32 -16.60
CA HIS B 427 -3.74 18.03 -16.13
C HIS B 427 -3.32 19.32 -15.44
N THR B 428 -2.09 19.43 -14.93
CA THR B 428 -1.62 20.63 -14.18
C THR B 428 -0.76 21.51 -15.07
N ASN B 429 -0.46 21.11 -16.31
CA ASN B 429 0.55 21.85 -17.13
C ASN B 429 1.83 22.01 -16.31
N TYR B 430 2.36 20.89 -15.88
CA TYR B 430 3.46 20.76 -14.89
C TYR B 430 4.69 21.54 -15.34
N GLU B 431 5.22 22.37 -14.45
CA GLU B 431 6.47 23.11 -14.73
C GLU B 431 7.64 22.28 -14.18
N LEU B 432 8.57 21.88 -15.04
CA LEU B 432 9.70 20.99 -14.63
C LEU B 432 10.49 21.61 -13.46
N ASP B 433 10.60 20.84 -12.38
CA ASP B 433 11.32 21.17 -11.14
C ASP B 433 12.17 19.95 -10.80
N ILE B 434 13.49 20.08 -10.81
CA ILE B 434 14.36 18.89 -10.77
C ILE B 434 14.99 18.83 -9.39
N LYS B 435 14.64 17.77 -8.66
CA LYS B 435 15.21 17.49 -7.34
C LYS B 435 16.51 16.71 -7.54
N GLU B 436 17.52 16.98 -6.73
CA GLU B 436 18.82 16.29 -6.84
C GLU B 436 19.10 15.46 -5.58
N THR B 437 19.47 14.20 -5.78
CA THR B 437 20.08 13.35 -4.74
C THR B 437 21.47 13.01 -5.25
N LEU B 438 21.82 11.74 -5.41
CA LEU B 438 22.91 11.38 -6.32
C LEU B 438 22.44 11.61 -7.76
N THR B 439 21.13 11.60 -7.98
CA THR B 439 20.52 11.60 -9.33
C THR B 439 19.49 12.73 -9.46
N LEU B 440 19.03 12.93 -10.67
CA LEU B 440 18.04 13.94 -11.02
C LEU B 440 16.68 13.26 -11.15
N LYS B 441 15.64 13.89 -10.60
CA LYS B 441 14.24 13.44 -10.78
C LYS B 441 13.31 14.64 -10.89
N PRO B 442 12.23 14.56 -11.68
CA PRO B 442 11.25 15.64 -11.69
C PRO B 442 10.32 15.67 -10.48
N GLU B 443 10.57 16.61 -9.57
CA GLU B 443 9.83 16.69 -8.29
C GLU B 443 8.42 17.24 -8.57
N GLY B 444 7.41 16.63 -7.95
CA GLY B 444 6.02 17.10 -8.05
C GLY B 444 5.37 16.76 -9.39
N PHE B 445 6.02 15.99 -10.26
CA PHE B 445 5.41 15.68 -11.56
C PHE B 445 4.22 14.73 -11.32
N VAL B 446 3.03 15.16 -11.76
CA VAL B 446 1.74 14.45 -11.62
C VAL B 446 1.06 14.41 -12.98
N VAL B 447 0.33 13.33 -13.24
CA VAL B 447 -0.47 13.17 -14.47
C VAL B 447 -1.78 12.50 -14.03
N LYS B 448 -2.72 12.52 -14.96
CA LYS B 448 -3.91 11.66 -14.89
C LYS B 448 -3.79 10.63 -15.99
N ALA B 449 -4.23 9.43 -15.67
CA ALA B 449 -4.27 8.35 -16.67
C ALA B 449 -5.75 8.06 -16.97
N LYS B 450 -6.07 7.77 -18.21
CA LYS B 450 -7.40 7.22 -18.54
C LYS B 450 -7.15 5.85 -19.12
N SER B 451 -7.68 4.84 -18.46
CA SER B 451 -7.46 3.43 -18.84
C SER B 451 -7.99 3.22 -20.25
N LYS B 452 -7.27 2.47 -21.07
CA LYS B 452 -7.82 2.00 -22.36
C LYS B 452 -8.65 0.73 -22.14
N LYS B 453 -8.71 0.24 -20.90
CA LYS B 453 -9.54 -0.93 -20.50
C LYS B 453 -9.06 -2.17 -21.25
N ILE B 454 -7.75 -2.40 -21.25
CA ILE B 454 -7.19 -3.63 -21.86
C ILE B 454 -6.79 -4.54 -20.70
N PRO B 455 -7.38 -5.75 -20.64
CA PRO B 455 -7.16 -6.65 -19.51
C PRO B 455 -5.71 -7.13 -19.46
N LEU B 456 -5.23 -7.41 -18.25
CA LEU B 456 -3.93 -8.08 -18.03
C LEU B 456 -4.16 -9.60 -18.00
#